data_4G3E
#
_entry.id   4G3E
#
_cell.length_a   143.145
_cell.length_b   143.145
_cell.length_c   45.151
_cell.angle_alpha   90.00
_cell.angle_beta   90.00
_cell.angle_gamma   90.00
#
_symmetry.space_group_name_H-M   'P 43'
#
loop_
_entity.id
_entity.type
_entity.pdbx_description
1 polymer 'NF-kappa-beta-inducing kinase'
2 non-polymer 'SULFATE ION'
3 non-polymer (2R)-4-[1-(2-amino-5-chloropyrimidin-4-yl)-2,3-dihydro-1H-indol-6-yl]-2-(1,3-thiazol-2-yl)but-3-yn-2-ol
4 water water
#
_entity_poly.entity_id   1
_entity_poly.type   'polypeptide(L)'
_entity_poly.pdbx_seq_one_letter_code
;GSALEKVPVEEYLVHALQGSVSSGQAHSLASLAKTWSSGSAKLQRLGPETEDNEGVLLTEKLKPVDYEYREEVHWMTHQP
RVGRGSFGEVHRMKDKQTGFQCAVKKVRLEVFRVEELVACAGLSSPRIVPLYGAVREGPWVNIFMELLEGGSLGQLIKQM
GCLPEDRALYYLGQALEGLEYLHTRRILHGDVKADNVLLSSDGSRAALCDFGHALCLQPDGLGKSLLTGDYIPGTETHMA
PEVVMGKPCDAKVDIWSSCCMMLHMLNGCHPWTQYFRGPLCLKIASEPPPIREIPPSCAPLTAQAIQEGLRKEPVHRASA
MELRRKVGKALQEVGGLKSPWKGEYKEPRGNS
;
_entity_poly.pdbx_strand_id   A,B
#
# COMPACT_ATOMS: atom_id res chain seq x y z
N PRO A 8 17.70 11.24 -2.80
CA PRO A 8 17.45 12.69 -2.90
C PRO A 8 16.01 13.04 -2.51
N VAL A 9 15.07 12.83 -3.42
CA VAL A 9 13.65 12.93 -3.12
C VAL A 9 13.26 11.66 -2.37
N GLU A 10 13.94 10.56 -2.69
CA GLU A 10 13.75 9.30 -2.00
C GLU A 10 14.10 9.46 -0.52
N GLU A 11 15.16 10.24 -0.25
CA GLU A 11 15.57 10.58 1.11
C GLU A 11 14.39 11.25 1.83
N TYR A 12 13.80 12.24 1.16
CA TYR A 12 12.67 12.99 1.70
C TYR A 12 11.40 12.17 1.91
N LEU A 13 11.05 11.31 0.95
CA LEU A 13 9.92 10.38 1.11
C LEU A 13 10.10 9.45 2.29
N VAL A 14 11.33 8.94 2.45
CA VAL A 14 11.63 8.01 3.53
C VAL A 14 11.43 8.70 4.88
N HIS A 15 11.93 9.93 5.01
CA HIS A 15 11.77 10.72 6.24
C HIS A 15 10.32 10.96 6.60
N ALA A 16 9.50 11.23 5.59
CA ALA A 16 8.07 11.44 5.79
C ALA A 16 7.36 10.18 6.26
N LEU A 17 8.01 9.03 6.09
CA LEU A 17 7.44 7.74 6.47
C LEU A 17 7.92 7.23 7.81
N GLN A 18 9.15 7.57 8.17
CA GLN A 18 9.75 7.12 9.43
C GLN A 18 9.02 7.72 10.63
N GLY A 19 8.85 6.92 11.66
CA GLY A 19 8.19 7.36 12.89
C GLY A 19 6.68 7.27 12.84
N SER A 20 6.13 6.91 11.69
CA SER A 20 4.68 6.86 11.52
C SER A 20 4.19 5.57 10.87
N VAL A 21 2.95 5.20 11.16
CA VAL A 21 2.32 4.17 10.37
C VAL A 21 1.33 4.87 9.47
N SER A 22 1.40 4.58 8.16
CA SER A 22 0.54 5.21 7.18
C SER A 22 -0.12 4.19 6.25
N SER A 23 -1.23 4.59 5.65
CA SER A 23 -1.74 3.93 4.45
C SER A 23 -0.95 4.43 3.24
N GLY A 24 -0.57 3.52 2.36
CA GLY A 24 0.21 3.88 1.18
C GLY A 24 0.35 2.73 0.19
N GLN A 25 1.26 2.90 -0.76
CA GLN A 25 1.47 1.94 -1.84
C GLN A 25 2.68 1.05 -1.56
N ALA A 26 2.73 -0.09 -2.25
CA ALA A 26 3.77 -1.08 -2.08
C ALA A 26 5.19 -0.49 -2.15
N HIS A 27 5.41 0.45 -3.06
CA HIS A 27 6.73 1.06 -3.20
C HIS A 27 7.18 1.81 -1.97
N SER A 28 6.27 2.50 -1.31
CA SER A 28 6.58 3.18 -0.04
C SER A 28 6.96 2.21 1.08
N LEU A 29 6.33 1.05 1.11
CA LEU A 29 6.66 0.03 2.10
C LEU A 29 8.06 -0.49 1.86
N ALA A 30 8.38 -0.75 0.60
CA ALA A 30 9.72 -1.19 0.20
C ALA A 30 10.81 -0.24 0.70
N SER A 31 10.66 1.04 0.37
CA SER A 31 11.62 2.09 0.72
C SER A 31 11.87 2.18 2.22
N LEU A 32 10.79 2.13 2.99
CA LEU A 32 10.88 2.18 4.43
C LEU A 32 11.52 0.90 4.95
N ALA A 33 11.08 -0.24 4.41
CA ALA A 33 11.61 -1.56 4.78
C ALA A 33 13.13 -1.61 4.76
N LYS A 34 13.71 -0.99 3.73
CA LYS A 34 15.15 -0.96 3.54
C LYS A 34 15.88 -0.35 4.74
N THR A 35 15.19 0.44 5.56
CA THR A 35 15.82 1.07 6.72
C THR A 35 15.82 0.15 7.93
N TRP A 36 15.12 -0.97 7.81
CA TRP A 36 15.04 -1.94 8.90
C TRP A 36 16.22 -2.87 8.93
N SER A 37 17.38 -2.35 8.52
CA SER A 37 18.66 -3.10 8.42
C SER A 37 18.59 -4.28 7.45
N ASP A 52 9.13 2.24 19.28
CA ASP A 52 9.08 2.88 17.97
C ASP A 52 8.08 2.13 17.10
N ASN A 53 7.15 2.87 16.50
CA ASN A 53 6.05 2.28 15.76
C ASN A 53 5.95 2.97 14.40
N GLU A 54 6.27 2.23 13.34
CA GLU A 54 6.26 2.81 11.98
C GLU A 54 5.93 1.72 10.96
N GLY A 55 5.51 2.12 9.75
CA GLY A 55 5.23 1.15 8.70
C GLY A 55 4.19 1.60 7.69
N VAL A 56 3.80 0.68 6.81
CA VAL A 56 2.86 1.02 5.74
C VAL A 56 1.85 -0.09 5.61
N LEU A 57 0.58 0.29 5.58
CA LEU A 57 -0.53 -0.62 5.36
C LEU A 57 -1.06 -0.44 3.93
N LEU A 58 -1.26 -1.55 3.22
CA LEU A 58 -1.56 -1.52 1.78
C LEU A 58 -3.02 -1.77 1.46
N THR A 59 -3.77 -2.19 2.47
CA THR A 59 -5.19 -2.41 2.28
C THR A 59 -6.00 -1.46 3.12
N GLU A 60 -7.14 -1.08 2.53
CA GLU A 60 -8.17 -0.26 3.16
C GLU A 60 -8.67 -0.92 4.46
N LYS A 61 -8.52 -2.23 4.55
CA LYS A 61 -9.03 -3.01 5.70
C LYS A 61 -8.18 -2.91 6.98
N LEU A 62 -6.91 -2.56 6.86
CA LEU A 62 -6.06 -2.30 8.02
C LEU A 62 -5.73 -0.81 8.03
N LYS A 63 -6.18 -0.11 9.08
CA LYS A 63 -6.10 1.36 9.13
C LYS A 63 -5.32 1.85 10.36
N PRO A 64 -4.34 2.74 10.14
CA PRO A 64 -3.65 3.35 11.28
C PRO A 64 -4.56 4.31 12.04
N VAL A 65 -4.24 4.56 13.30
CA VAL A 65 -4.96 5.55 14.11
C VAL A 65 -3.96 6.51 14.70
N ASP A 66 -4.11 7.78 14.34
CA ASP A 66 -3.22 8.84 14.80
C ASP A 66 -1.74 8.47 14.75
N TYR A 67 -1.29 8.08 13.55
CA TYR A 67 0.12 7.76 13.22
C TYR A 67 0.60 6.41 13.76
N GLU A 68 -0.32 5.60 14.27
CA GLU A 68 0.06 4.39 14.99
C GLU A 68 -0.69 3.14 14.56
N TYR A 69 -0.05 2.00 14.77
CA TYR A 69 -0.70 0.71 14.64
C TYR A 69 0.03 -0.20 15.61
N ARG A 70 -0.52 -0.32 16.81
CA ARG A 70 0.16 -1.05 17.90
C ARG A 70 -0.61 -2.31 18.27
N GLU A 71 0.11 -3.42 18.44
CA GLU A 71 -0.50 -4.68 18.84
C GLU A 71 -1.27 -4.52 20.16
N GLU A 72 -2.41 -5.20 20.22
CA GLU A 72 -3.34 -5.19 21.37
C GLU A 72 -3.90 -3.80 21.66
N VAL A 73 -3.73 -2.88 20.72
CA VAL A 73 -4.37 -1.55 20.80
C VAL A 73 -5.21 -1.23 19.56
N HIS A 74 -4.61 -1.41 18.39
CA HIS A 74 -5.30 -1.18 17.13
C HIS A 74 -5.54 -2.48 16.43
N TRP A 75 -4.70 -3.47 16.73
CA TRP A 75 -4.96 -4.83 16.26
C TRP A 75 -4.71 -5.84 17.32
N MET A 76 -5.51 -6.90 17.32
CA MET A 76 -5.35 -7.98 18.29
C MET A 76 -5.33 -9.37 17.65
N THR A 77 -4.41 -10.21 18.12
CA THR A 77 -4.32 -11.58 17.64
C THR A 77 -5.48 -12.37 18.22
N HIS A 78 -5.79 -13.50 17.59
CA HIS A 78 -6.85 -14.42 18.03
C HIS A 78 -6.77 -14.75 19.50
N GLN A 79 -7.94 -14.88 20.13
CA GLN A 79 -8.14 -14.84 21.59
C GLN A 79 -7.17 -15.68 22.45
N PRO A 80 -7.34 -17.02 22.53
CA PRO A 80 -6.21 -17.74 23.13
C PRO A 80 -5.12 -17.91 22.07
N ARG A 81 -3.93 -17.38 22.35
CA ARG A 81 -2.88 -17.25 21.33
C ARG A 81 -2.37 -18.60 20.83
N VAL A 82 -2.94 -19.05 19.72
CA VAL A 82 -2.42 -20.19 18.96
C VAL A 82 -1.68 -19.68 17.72
N GLY A 83 -0.76 -20.48 17.19
CA GLY A 83 0.10 -20.06 16.08
C GLY A 83 0.53 -21.12 15.09
N ARG A 84 0.78 -20.68 13.86
CA ARG A 84 1.27 -21.55 12.80
CA ARG A 84 1.24 -21.53 12.77
C ARG A 84 2.67 -21.14 12.37
N GLY A 85 3.32 -21.97 11.58
CA GLY A 85 4.68 -21.69 11.13
C GLY A 85 5.72 -22.44 11.94
N SER A 86 6.95 -22.50 11.42
CA SER A 86 8.04 -23.22 12.07
C SER A 86 8.32 -22.73 13.50
N PHE A 87 8.13 -21.43 13.72
CA PHE A 87 8.45 -20.79 14.99
C PHE A 87 7.20 -20.33 15.73
N GLY A 88 6.05 -20.89 15.36
CA GLY A 88 4.74 -20.47 15.90
C GLY A 88 4.55 -18.97 15.82
N GLU A 89 4.98 -18.39 14.70
CA GLU A 89 5.12 -16.96 14.58
C GLU A 89 4.03 -16.31 13.72
N VAL A 90 3.14 -17.13 13.19
CA VAL A 90 2.09 -16.65 12.30
C VAL A 90 0.76 -16.76 13.02
N HIS A 91 -0.01 -15.67 13.06
CA HIS A 91 -1.25 -15.62 13.85
C HIS A 91 -2.41 -15.03 13.11
N ARG A 92 -3.61 -15.50 13.42
CA ARG A 92 -4.84 -14.88 12.96
C ARG A 92 -5.05 -13.57 13.73
N MET A 93 -5.51 -12.52 13.05
CA MET A 93 -5.66 -11.23 13.70
C MET A 93 -6.88 -10.42 13.25
N LYS A 94 -7.22 -9.42 14.05
CA LYS A 94 -8.35 -8.55 13.74
C LYS A 94 -7.95 -7.08 13.87
N ASP A 95 -8.34 -6.28 12.88
CA ASP A 95 -8.27 -4.83 13.03
C ASP A 95 -9.41 -4.40 13.95
N LYS A 96 -9.09 -3.67 15.02
CA LYS A 96 -10.10 -3.31 16.01
C LYS A 96 -11.15 -2.32 15.51
N GLN A 97 -10.77 -1.50 14.54
CA GLN A 97 -11.69 -0.48 14.02
C GLN A 97 -12.52 -1.03 12.87
N THR A 98 -11.87 -1.73 11.93
CA THR A 98 -12.54 -2.22 10.73
C THR A 98 -13.20 -3.57 10.94
N GLY A 99 -12.73 -4.30 11.95
CA GLY A 99 -13.20 -5.67 12.22
C GLY A 99 -12.67 -6.70 11.23
N PHE A 100 -11.75 -6.29 10.37
CA PHE A 100 -11.27 -7.15 9.30
C PHE A 100 -10.30 -8.20 9.83
N GLN A 101 -10.49 -9.44 9.38
CA GLN A 101 -9.63 -10.54 9.78
C GLN A 101 -8.56 -10.88 8.76
N CYS A 102 -7.31 -10.89 9.21
CA CYS A 102 -6.23 -11.45 8.41
C CYS A 102 -5.15 -12.18 9.22
N ALA A 103 -3.95 -12.26 8.66
CA ALA A 103 -2.86 -12.96 9.34
C ALA A 103 -1.66 -12.06 9.47
N VAL A 104 -0.82 -12.37 10.47
CA VAL A 104 0.40 -11.63 10.73
C VAL A 104 1.52 -12.62 10.91
N LYS A 105 2.66 -12.36 10.28
CA LYS A 105 3.88 -13.05 10.62
C LYS A 105 4.77 -12.08 11.40
N LYS A 106 5.20 -12.53 12.57
CA LYS A 106 6.15 -11.78 13.38
C LYS A 106 7.58 -12.18 13.02
N VAL A 107 8.39 -11.18 12.71
CA VAL A 107 9.81 -11.39 12.45
C VAL A 107 10.55 -10.53 13.45
N ARG A 108 11.62 -11.07 14.03
CA ARG A 108 12.46 -10.30 14.93
C ARG A 108 13.24 -9.31 14.10
N LEU A 109 13.18 -8.04 14.51
CA LEU A 109 13.81 -6.93 13.81
C LEU A 109 15.30 -7.20 13.58
N GLU A 110 15.98 -7.62 14.65
CA GLU A 110 17.39 -7.94 14.63
C GLU A 110 17.74 -8.94 13.51
N VAL A 111 16.75 -9.67 13.02
CA VAL A 111 16.98 -10.77 12.09
C VAL A 111 16.19 -10.56 10.79
N PHE A 112 15.44 -9.46 10.75
CA PHE A 112 14.62 -9.16 9.58
C PHE A 112 15.47 -9.00 8.33
N ARG A 113 15.04 -9.67 7.27
CA ARG A 113 15.66 -9.55 5.97
C ARG A 113 14.83 -8.61 5.11
N VAL A 114 15.46 -7.51 4.69
CA VAL A 114 14.88 -6.54 3.77
C VAL A 114 14.14 -7.22 2.60
N GLU A 115 14.73 -8.29 2.08
CA GLU A 115 14.21 -8.96 0.88
C GLU A 115 12.84 -9.61 1.06
N GLU A 116 12.48 -9.95 2.29
CA GLU A 116 11.18 -10.55 2.57
C GLU A 116 10.06 -9.59 2.20
N LEU A 117 10.32 -8.30 2.34
CA LEU A 117 9.33 -7.31 1.95
C LEU A 117 9.60 -6.78 0.54
N VAL A 118 10.86 -6.51 0.21
CA VAL A 118 11.22 -5.95 -1.11
C VAL A 118 10.89 -6.88 -2.28
N ALA A 119 11.09 -8.18 -2.08
CA ALA A 119 10.76 -9.15 -3.10
C ALA A 119 9.40 -9.74 -2.82
N CYS A 120 8.36 -8.91 -2.86
CA CYS A 120 7.08 -9.27 -2.24
C CYS A 120 6.08 -8.12 -2.41
N ALA A 121 6.53 -6.92 -2.07
CA ALA A 121 5.71 -5.71 -2.16
C ALA A 121 5.50 -5.35 -3.62
N GLY A 122 4.23 -5.22 -4.01
CA GLY A 122 3.88 -4.81 -5.38
C GLY A 122 3.65 -5.97 -6.34
N LEU A 123 3.92 -7.19 -5.90
CA LEU A 123 3.51 -8.37 -6.63
C LEU A 123 1.99 -8.46 -6.61
N SER A 124 1.43 -8.99 -7.69
CA SER A 124 0.01 -9.33 -7.72
C SER A 124 -0.18 -10.51 -8.65
N SER A 125 -0.33 -11.68 -8.05
CA SER A 125 -0.59 -12.91 -8.74
C SER A 125 -1.49 -13.79 -7.86
N PRO A 126 -2.50 -14.42 -8.45
CA PRO A 126 -3.36 -15.41 -7.78
C PRO A 126 -2.55 -16.48 -7.06
N ARG A 127 -1.37 -16.79 -7.58
CA ARG A 127 -0.52 -17.85 -7.03
C ARG A 127 0.44 -17.40 -5.94
N ILE A 128 0.36 -16.13 -5.55
CA ILE A 128 1.16 -15.62 -4.44
C ILE A 128 0.28 -14.90 -3.44
N VAL A 129 0.44 -15.24 -2.17
CA VAL A 129 -0.32 -14.65 -1.09
C VAL A 129 -0.12 -13.13 -1.07
N PRO A 130 -1.23 -12.38 -0.99
CA PRO A 130 -1.15 -10.92 -0.97
C PRO A 130 -0.53 -10.38 0.32
N LEU A 131 0.43 -9.48 0.18
CA LEU A 131 0.96 -8.71 1.30
C LEU A 131 -0.02 -7.60 1.67
N TYR A 132 -0.38 -7.48 2.96
CA TYR A 132 -1.31 -6.43 3.40
C TYR A 132 -0.63 -5.22 4.04
N GLY A 133 0.64 -5.34 4.36
CA GLY A 133 1.38 -4.27 4.99
C GLY A 133 2.46 -4.80 5.90
N ALA A 134 3.24 -3.90 6.50
CA ALA A 134 4.22 -4.28 7.50
C ALA A 134 4.44 -3.12 8.44
N VAL A 135 4.53 -3.43 9.71
CA VAL A 135 4.65 -2.42 10.74
C VAL A 135 5.70 -2.86 11.72
N ARG A 136 6.63 -1.96 12.01
CA ARG A 136 7.62 -2.16 13.07
C ARG A 136 7.06 -1.66 14.40
N GLU A 137 7.17 -2.50 15.43
CA GLU A 137 6.82 -2.11 16.79
C GLU A 137 7.81 -2.75 17.74
N GLY A 138 8.65 -1.89 18.35
CA GLY A 138 9.71 -2.32 19.25
C GLY A 138 10.71 -3.20 18.53
N PRO A 139 10.97 -4.40 19.09
CA PRO A 139 11.85 -5.44 18.49
C PRO A 139 11.15 -6.33 17.45
N TRP A 140 9.94 -5.96 17.04
CA TRP A 140 9.14 -6.75 16.10
C TRP A 140 8.88 -6.07 14.79
N VAL A 141 8.98 -6.84 13.72
CA VAL A 141 8.43 -6.47 12.43
C VAL A 141 7.22 -7.38 12.23
N ASN A 142 6.03 -6.77 12.25
CA ASN A 142 4.78 -7.46 12.01
C ASN A 142 4.38 -7.34 10.55
N ILE A 143 4.39 -8.46 9.84
CA ILE A 143 4.01 -8.51 8.43
C ILE A 143 2.59 -9.08 8.26
N PHE A 144 1.75 -8.29 7.61
CA PHE A 144 0.34 -8.59 7.48
C PHE A 144 0.03 -9.12 6.08
N MET A 145 -0.98 -10.00 5.99
CA MET A 145 -1.31 -10.67 4.75
C MET A 145 -2.70 -11.30 4.82
N GLU A 146 -3.22 -11.70 3.65
CA GLU A 146 -4.50 -12.37 3.58
C GLU A 146 -4.48 -13.65 4.42
N LEU A 147 -5.55 -13.90 5.15
CA LEU A 147 -5.69 -15.14 5.89
C LEU A 147 -6.26 -16.17 4.95
N LEU A 148 -5.45 -17.17 4.59
CA LEU A 148 -5.94 -18.27 3.77
C LEU A 148 -6.45 -19.38 4.65
N GLU A 149 -7.76 -19.60 4.59
CA GLU A 149 -8.52 -20.42 5.54
C GLU A 149 -8.37 -21.94 5.34
N GLY A 150 -7.85 -22.37 4.20
CA GLY A 150 -7.70 -23.79 3.96
C GLY A 150 -6.47 -24.37 4.62
N GLY A 151 -5.68 -23.52 5.29
CA GLY A 151 -4.40 -23.92 5.87
C GLY A 151 -3.32 -24.19 4.84
N SER A 152 -2.17 -24.66 5.31
CA SER A 152 -1.05 -24.93 4.43
C SER A 152 -1.10 -26.33 3.88
N LEU A 153 -0.41 -26.52 2.76
CA LEU A 153 -0.34 -27.82 2.13
C LEU A 153 0.37 -28.81 3.05
N GLY A 154 1.30 -28.30 3.85
CA GLY A 154 1.92 -29.06 4.93
C GLY A 154 0.94 -29.65 5.93
N GLN A 155 -0.05 -28.86 6.35
CA GLN A 155 -1.13 -29.35 7.25
C GLN A 155 -1.95 -30.44 6.57
N LEU A 156 -2.26 -30.23 5.29
CA LEU A 156 -3.03 -31.19 4.53
C LEU A 156 -2.33 -32.55 4.50
N ILE A 157 -1.04 -32.55 4.14
CA ILE A 157 -0.27 -33.79 4.11
C ILE A 157 -0.31 -34.52 5.44
N LYS A 158 -0.09 -33.80 6.55
CA LYS A 158 -0.20 -34.41 7.89
C LYS A 158 -1.59 -34.96 8.17
N GLN A 159 -2.62 -34.26 7.69
CA GLN A 159 -4.01 -34.65 7.90
C GLN A 159 -4.36 -35.90 7.12
N MET A 160 -3.96 -35.93 5.86
CA MET A 160 -4.43 -36.94 4.91
C MET A 160 -3.48 -38.11 4.78
N GLY A 161 -2.33 -38.01 5.44
CA GLY A 161 -1.28 -39.02 5.33
C GLY A 161 -0.38 -38.69 4.16
N CYS A 162 -0.93 -38.83 2.96
CA CYS A 162 -0.29 -38.32 1.76
C CYS A 162 -1.36 -38.05 0.71
N LEU A 163 -0.99 -37.33 -0.35
CA LEU A 163 -1.96 -36.85 -1.32
C LEU A 163 -2.10 -37.80 -2.51
N PRO A 164 -3.30 -37.86 -3.10
CA PRO A 164 -3.45 -38.61 -4.36
C PRO A 164 -2.62 -37.95 -5.45
N GLU A 165 -2.17 -38.75 -6.40
CA GLU A 165 -1.33 -38.24 -7.48
C GLU A 165 -1.90 -36.97 -8.14
N ASP A 166 -3.20 -36.99 -8.44
CA ASP A 166 -3.80 -35.92 -9.23
C ASP A 166 -3.89 -34.61 -8.44
N ARG A 167 -4.05 -34.72 -7.13
CA ARG A 167 -4.04 -33.56 -6.24
C ARG A 167 -2.61 -33.02 -6.12
N ALA A 168 -1.63 -33.92 -6.00
CA ALA A 168 -0.23 -33.55 -5.92
C ALA A 168 0.21 -32.79 -7.16
N LEU A 169 -0.12 -33.32 -8.33
CA LEU A 169 0.20 -32.66 -9.58
C LEU A 169 -0.50 -31.31 -9.64
N TYR A 170 -1.76 -31.30 -9.23
CA TYR A 170 -2.58 -30.11 -9.32
C TYR A 170 -1.95 -28.97 -8.53
N TYR A 171 -1.49 -29.26 -7.32
CA TYR A 171 -0.84 -28.25 -6.48
C TYR A 171 0.57 -27.94 -6.93
N LEU A 172 1.31 -28.94 -7.42
CA LEU A 172 2.65 -28.69 -7.93
C LEU A 172 2.58 -27.68 -9.09
N GLY A 173 1.59 -27.85 -9.99
CA GLY A 173 1.42 -26.94 -11.12
C GLY A 173 1.20 -25.50 -10.66
N GLN A 174 0.34 -25.34 -9.67
CA GLN A 174 0.02 -24.02 -9.13
C GLN A 174 1.23 -23.37 -8.50
N ALA A 175 1.99 -24.14 -7.73
CA ALA A 175 3.24 -23.65 -7.12
C ALA A 175 4.17 -23.19 -8.24
N LEU A 176 4.28 -24.01 -9.28
CA LEU A 176 5.10 -23.68 -10.45
C LEU A 176 4.64 -22.43 -11.18
N GLU A 177 3.33 -22.21 -11.26
CA GLU A 177 2.85 -20.96 -11.87
C GLU A 177 3.31 -19.76 -11.07
N GLY A 178 3.34 -19.90 -9.74
CA GLY A 178 3.83 -18.86 -8.84
C GLY A 178 5.32 -18.62 -9.05
N LEU A 179 6.05 -19.71 -9.24
CA LEU A 179 7.47 -19.63 -9.46
C LEU A 179 7.76 -18.99 -10.81
N GLU A 180 6.92 -19.29 -11.80
CA GLU A 180 7.03 -18.66 -13.12
C GLU A 180 7.00 -17.16 -12.94
N TYR A 181 5.93 -16.72 -12.31
CA TYR A 181 5.69 -15.32 -12.04
C TYR A 181 6.87 -14.66 -11.29
N LEU A 182 7.43 -15.36 -10.29
CA LEU A 182 8.53 -14.82 -9.51
C LEU A 182 9.83 -14.80 -10.31
N HIS A 183 10.07 -15.89 -11.04
CA HIS A 183 11.33 -16.04 -11.77
C HIS A 183 11.44 -15.01 -12.88
N THR A 184 10.33 -14.74 -13.57
CA THR A 184 10.29 -13.70 -14.59
C THR A 184 10.72 -12.37 -13.98
N ARG A 185 10.42 -12.16 -12.70
CA ARG A 185 10.82 -10.91 -12.03
C ARG A 185 12.15 -11.04 -11.30
N ARG A 186 12.84 -12.15 -11.57
CA ARG A 186 14.18 -12.38 -11.03
C ARG A 186 14.17 -12.40 -9.50
N ILE A 187 13.11 -13.00 -8.96
CA ILE A 187 13.00 -13.31 -7.54
C ILE A 187 13.08 -14.82 -7.36
N LEU A 188 13.99 -15.22 -6.49
CA LEU A 188 14.12 -16.58 -6.01
C LEU A 188 13.34 -16.67 -4.70
N HIS A 189 12.41 -17.62 -4.62
CA HIS A 189 11.65 -17.82 -3.38
C HIS A 189 12.54 -18.27 -2.26
N GLY A 190 13.32 -19.33 -2.50
CA GLY A 190 14.34 -19.78 -1.56
C GLY A 190 13.95 -20.78 -0.50
N ASP A 191 12.64 -21.03 -0.35
CA ASP A 191 12.16 -22.03 0.61
C ASP A 191 10.85 -22.64 0.15
N VAL A 192 10.83 -23.09 -1.11
CA VAL A 192 9.64 -23.71 -1.64
C VAL A 192 9.42 -25.06 -0.95
N LYS A 193 8.26 -25.20 -0.31
CA LYS A 193 7.89 -26.43 0.36
C LYS A 193 6.42 -26.39 0.72
N ALA A 194 5.86 -27.56 1.05
CA ALA A 194 4.44 -27.70 1.39
C ALA A 194 3.97 -26.71 2.44
N ASP A 195 4.78 -26.50 3.48
CA ASP A 195 4.46 -25.59 4.57
C ASP A 195 4.29 -24.15 4.09
N ASN A 196 4.87 -23.85 2.93
CA ASN A 196 4.86 -22.50 2.38
C ASN A 196 3.89 -22.34 1.20
N VAL A 197 3.05 -23.35 1.01
CA VAL A 197 2.01 -23.28 0.01
C VAL A 197 0.70 -23.29 0.74
N LEU A 198 -0.04 -22.19 0.68
CA LEU A 198 -1.31 -22.08 1.40
C LEU A 198 -2.50 -22.30 0.47
N LEU A 199 -3.62 -22.73 1.04
CA LEU A 199 -4.79 -23.18 0.29
C LEU A 199 -6.04 -22.38 0.67
N SER A 200 -6.87 -22.08 -0.32
CA SER A 200 -8.19 -21.45 -0.07
C SER A 200 -9.07 -22.45 0.69
N SER A 201 -10.21 -21.97 1.19
CA SER A 201 -11.08 -22.77 2.08
C SER A 201 -11.71 -24.03 1.47
N ASP A 202 -11.81 -24.07 0.15
CA ASP A 202 -12.25 -25.29 -0.54
C ASP A 202 -11.09 -26.13 -1.11
N GLY A 203 -9.87 -25.64 -0.99
CA GLY A 203 -8.70 -26.39 -1.45
C GLY A 203 -8.34 -26.26 -2.91
N SER A 204 -9.09 -25.45 -3.66
CA SER A 204 -8.90 -25.38 -5.11
C SER A 204 -7.84 -24.36 -5.58
N ARG A 205 -7.44 -23.47 -4.69
CA ARG A 205 -6.47 -22.42 -5.04
C ARG A 205 -5.30 -22.48 -4.07
N ALA A 206 -4.11 -22.61 -4.63
CA ALA A 206 -2.88 -22.71 -3.86
C ALA A 206 -2.04 -21.50 -4.14
N ALA A 207 -1.32 -21.03 -3.12
CA ALA A 207 -0.50 -19.84 -3.28
C ALA A 207 0.76 -19.89 -2.41
N LEU A 208 1.86 -19.39 -2.98
CA LEU A 208 3.13 -19.32 -2.28
C LEU A 208 3.10 -18.21 -1.22
N CYS A 209 3.62 -18.52 -0.04
CA CYS A 209 3.85 -17.51 0.98
C CYS A 209 5.27 -17.65 1.48
N ASP A 210 5.61 -16.79 2.45
CA ASP A 210 6.89 -16.77 3.16
C ASP A 210 8.14 -16.48 2.33
N PHE A 211 8.40 -15.21 2.10
CA PHE A 211 9.58 -14.75 1.39
C PHE A 211 10.77 -14.48 2.32
N GLY A 212 10.80 -15.11 3.49
CA GLY A 212 11.87 -14.94 4.49
C GLY A 212 13.23 -15.37 4.00
N HIS A 213 13.26 -16.17 2.94
CA HIS A 213 14.50 -16.67 2.36
C HIS A 213 14.74 -16.15 0.96
N ALA A 214 13.97 -15.17 0.53
CA ALA A 214 14.01 -14.79 -0.88
C ALA A 214 15.28 -14.00 -1.25
N LEU A 215 15.59 -14.01 -2.54
CA LEU A 215 16.75 -13.26 -3.03
C LEU A 215 16.47 -12.71 -4.44
N CYS A 216 16.91 -11.47 -4.67
CA CYS A 216 16.74 -10.79 -5.96
C CYS A 216 17.94 -11.08 -6.89
N LEU A 217 17.64 -11.57 -8.09
CA LEU A 217 18.67 -12.05 -9.04
C LEU A 217 19.00 -11.09 -10.18
N GLN A 218 19.89 -11.53 -11.09
CA GLN A 218 20.27 -10.81 -12.32
C GLN A 218 20.56 -11.78 -13.48
N ILE A 232 20.50 -16.73 5.61
CA ILE A 232 19.50 -17.68 6.17
C ILE A 232 18.92 -18.63 5.13
N PRO A 233 19.37 -19.91 5.16
CA PRO A 233 19.06 -20.94 4.17
C PRO A 233 17.67 -21.55 4.34
N GLY A 234 17.14 -22.14 3.27
CA GLY A 234 15.85 -22.82 3.34
C GLY A 234 15.88 -24.14 4.10
N THR A 235 14.86 -24.94 3.91
CA THR A 235 14.73 -26.23 4.58
C THR A 235 15.73 -27.24 4.04
N GLU A 236 16.52 -27.80 4.94
CA GLU A 236 17.63 -28.69 4.58
C GLU A 236 17.22 -29.84 3.63
N THR A 237 16.10 -30.51 3.90
CA THR A 237 15.71 -31.66 3.08
C THR A 237 15.38 -31.27 1.65
N HIS A 238 15.02 -30.01 1.45
CA HIS A 238 14.60 -29.53 0.14
C HIS A 238 15.70 -28.81 -0.60
N MET A 239 16.87 -28.72 0.03
CA MET A 239 18.02 -28.03 -0.56
C MET A 239 18.60 -28.67 -1.82
N ALA A 240 18.70 -27.88 -2.88
CA ALA A 240 19.37 -28.29 -4.13
C ALA A 240 20.88 -28.48 -3.93
N PRO A 241 21.49 -29.41 -4.69
CA PRO A 241 22.90 -29.75 -4.51
C PRO A 241 23.81 -28.53 -4.59
N GLU A 242 23.52 -27.61 -5.51
CA GLU A 242 24.36 -26.43 -5.69
C GLU A 242 24.30 -25.50 -4.48
N VAL A 243 23.16 -25.48 -3.78
CA VAL A 243 23.02 -24.75 -2.52
C VAL A 243 23.95 -25.40 -1.48
N VAL A 244 23.71 -26.69 -1.26
CA VAL A 244 24.45 -27.50 -0.29
C VAL A 244 25.95 -27.46 -0.52
N MET A 245 26.36 -27.42 -1.79
CA MET A 245 27.78 -27.43 -2.16
C MET A 245 28.44 -26.04 -2.17
N GLY A 246 27.64 -24.99 -2.03
CA GLY A 246 28.15 -23.62 -2.02
C GLY A 246 28.37 -23.03 -3.41
N LYS A 247 27.93 -23.75 -4.44
CA LYS A 247 28.05 -23.30 -5.83
C LYS A 247 27.13 -22.09 -6.11
N PRO A 248 27.30 -21.44 -7.30
CA PRO A 248 26.44 -20.33 -7.71
C PRO A 248 24.99 -20.77 -7.96
N CYS A 249 24.02 -20.01 -7.45
CA CYS A 249 22.61 -20.40 -7.51
C CYS A 249 21.70 -19.47 -8.30
N ASP A 250 20.77 -20.06 -9.05
CA ASP A 250 19.77 -19.28 -9.76
C ASP A 250 18.36 -19.80 -9.49
N ALA A 251 17.39 -19.33 -10.27
CA ALA A 251 15.99 -19.72 -10.12
C ALA A 251 15.81 -21.22 -9.97
N LYS A 252 16.66 -21.99 -10.63
CA LYS A 252 16.57 -23.45 -10.64
C LYS A 252 16.52 -24.10 -9.25
N VAL A 253 17.05 -23.44 -8.23
CA VAL A 253 16.94 -24.00 -6.87
C VAL A 253 15.48 -24.21 -6.46
N ASP A 254 14.62 -23.25 -6.77
CA ASP A 254 13.18 -23.37 -6.49
C ASP A 254 12.59 -24.62 -7.11
N ILE A 255 13.10 -24.98 -8.29
CA ILE A 255 12.54 -26.11 -9.03
C ILE A 255 12.81 -27.41 -8.31
N TRP A 256 14.05 -27.57 -7.84
CA TRP A 256 14.47 -28.72 -7.06
C TRP A 256 13.65 -28.84 -5.79
N SER A 257 13.53 -27.74 -5.04
CA SER A 257 12.71 -27.71 -3.83
C SER A 257 11.27 -28.14 -4.10
N SER A 258 10.70 -27.66 -5.20
CA SER A 258 9.31 -27.96 -5.52
C SER A 258 9.14 -29.44 -5.78
N CYS A 259 10.14 -30.08 -6.39
CA CYS A 259 10.05 -31.52 -6.64
C CYS A 259 10.23 -32.34 -5.39
N CYS A 260 11.03 -31.84 -4.45
CA CYS A 260 11.13 -32.45 -3.13
C CYS A 260 9.78 -32.36 -2.45
N MET A 261 9.12 -31.22 -2.61
CA MET A 261 7.79 -31.02 -2.07
C MET A 261 6.81 -32.01 -2.71
N MET A 262 7.01 -32.31 -3.99
CA MET A 262 6.13 -33.24 -4.71
C MET A 262 6.19 -34.63 -4.09
N LEU A 263 7.42 -35.05 -3.79
CA LEU A 263 7.71 -36.32 -3.15
C LEU A 263 7.12 -36.37 -1.75
N HIS A 264 7.17 -35.22 -1.09
CA HIS A 264 6.58 -35.09 0.23
C HIS A 264 5.10 -35.31 0.11
N MET A 265 4.48 -34.74 -0.92
CA MET A 265 3.05 -34.90 -1.15
C MET A 265 2.67 -36.36 -1.40
N LEU A 266 3.45 -37.05 -2.24
CA LEU A 266 3.13 -38.42 -2.66
C LEU A 266 3.43 -39.45 -1.57
N ASN A 267 4.55 -39.26 -0.88
CA ASN A 267 5.07 -40.24 0.08
C ASN A 267 4.71 -39.96 1.52
N GLY A 268 4.30 -38.72 1.79
CA GLY A 268 3.94 -38.28 3.14
C GLY A 268 5.13 -38.07 4.06
N CYS A 269 6.32 -37.98 3.50
CA CYS A 269 7.53 -37.63 4.25
C CYS A 269 8.52 -36.98 3.30
N HIS A 270 9.42 -36.18 3.87
CA HIS A 270 10.48 -35.51 3.11
C HIS A 270 11.43 -36.51 2.50
N PRO A 271 12.01 -36.18 1.33
CA PRO A 271 13.13 -36.98 0.78
C PRO A 271 14.28 -37.11 1.77
N TRP A 272 15.12 -38.12 1.59
CA TRP A 272 16.34 -38.31 2.40
C TRP A 272 16.10 -38.80 3.82
N THR A 273 14.87 -38.63 4.33
CA THR A 273 14.47 -39.10 5.66
C THR A 273 14.67 -40.61 5.82
N GLN A 274 14.13 -41.35 4.86
CA GLN A 274 14.04 -42.82 4.92
C GLN A 274 15.39 -43.52 4.84
N TYR A 275 16.36 -42.91 4.17
CA TYR A 275 17.62 -43.57 3.88
C TYR A 275 18.77 -43.06 4.73
N PHE A 276 18.62 -41.82 5.22
CA PHE A 276 19.70 -41.13 5.92
C PHE A 276 19.16 -40.32 7.10
N GLY A 278 23.33 -39.11 10.78
CA GLY A 278 24.16 -38.36 9.85
C GLY A 278 23.50 -37.09 9.31
N PRO A 279 24.31 -36.04 9.07
CA PRO A 279 23.87 -34.73 8.52
C PRO A 279 23.46 -34.80 7.05
N LEU A 280 22.18 -34.54 6.79
CA LEU A 280 21.56 -34.74 5.47
C LEU A 280 22.21 -33.95 4.33
N CYS A 281 22.85 -32.85 4.67
CA CYS A 281 23.50 -31.98 3.68
C CYS A 281 24.72 -32.63 3.02
N LEU A 282 25.29 -33.65 3.64
CA LEU A 282 26.42 -34.37 3.05
C LEU A 282 25.97 -35.31 1.92
N LYS A 283 24.85 -36.01 2.15
CA LYS A 283 24.31 -36.95 1.18
C LYS A 283 23.71 -36.25 -0.06
N ILE A 284 23.13 -35.07 0.11
CA ILE A 284 22.53 -34.37 -1.02
C ILE A 284 23.57 -34.04 -2.10
N ALA A 285 24.78 -33.70 -1.66
CA ALA A 285 25.89 -33.35 -2.55
C ALA A 285 26.44 -34.57 -3.28
N SER A 286 26.80 -35.61 -2.52
CA SER A 286 27.45 -36.79 -3.10
C SER A 286 26.48 -37.73 -3.80
N GLU A 287 25.31 -37.93 -3.19
CA GLU A 287 24.39 -39.00 -3.60
C GLU A 287 23.64 -38.67 -4.89
N PRO A 288 23.06 -39.71 -5.55
CA PRO A 288 22.22 -39.44 -6.69
C PRO A 288 20.93 -38.76 -6.23
N PRO A 289 20.28 -38.01 -7.12
CA PRO A 289 19.05 -37.34 -6.70
C PRO A 289 18.06 -38.38 -6.19
N PRO A 290 17.14 -37.96 -5.28
CA PRO A 290 16.23 -38.91 -4.65
C PRO A 290 15.10 -39.42 -5.56
N ILE A 291 15.39 -39.60 -6.84
CA ILE A 291 14.42 -40.17 -7.79
C ILE A 291 13.98 -41.61 -7.44
N ARG A 292 14.79 -42.32 -6.65
CA ARG A 292 14.39 -43.64 -6.13
C ARG A 292 13.13 -43.56 -5.28
N GLU A 293 12.80 -42.36 -4.81
CA GLU A 293 11.60 -42.12 -4.00
C GLU A 293 10.33 -41.80 -4.82
N ILE A 294 10.41 -41.82 -6.15
CA ILE A 294 9.18 -41.68 -6.95
C ILE A 294 8.41 -42.98 -6.72
N PRO A 295 7.13 -42.87 -6.33
CA PRO A 295 6.36 -44.11 -6.14
C PRO A 295 6.19 -44.82 -7.48
N PRO A 296 6.33 -46.15 -7.48
CA PRO A 296 6.11 -46.94 -8.70
C PRO A 296 4.70 -46.77 -9.28
N SER A 297 3.71 -46.51 -8.42
CA SER A 297 2.31 -46.32 -8.81
C SER A 297 2.06 -45.07 -9.67
N CYS A 298 2.95 -44.09 -9.59
CA CYS A 298 2.80 -42.86 -10.36
C CYS A 298 2.77 -43.14 -11.84
N ALA A 299 2.07 -42.27 -12.58
CA ALA A 299 2.05 -42.37 -14.03
C ALA A 299 3.38 -41.92 -14.63
N PRO A 300 3.75 -42.47 -15.80
CA PRO A 300 5.08 -42.25 -16.40
C PRO A 300 5.48 -40.79 -16.50
N LEU A 301 4.57 -39.92 -16.89
CA LEU A 301 4.91 -38.51 -17.06
C LEU A 301 5.04 -37.75 -15.74
N THR A 302 4.36 -38.22 -14.68
CA THR A 302 4.56 -37.69 -13.35
C THR A 302 6.01 -37.96 -12.97
N ALA A 303 6.40 -39.24 -13.06
CA ALA A 303 7.76 -39.68 -12.74
C ALA A 303 8.79 -38.91 -13.55
N GLN A 304 8.54 -38.81 -14.85
CA GLN A 304 9.41 -38.09 -15.76
C GLN A 304 9.61 -36.62 -15.32
N ALA A 305 8.51 -35.99 -14.88
CA ALA A 305 8.56 -34.57 -14.55
C ALA A 305 9.37 -34.36 -13.27
N ILE A 306 9.11 -35.18 -12.26
CA ILE A 306 9.86 -35.08 -11.01
C ILE A 306 11.35 -35.29 -11.31
N GLN A 307 11.67 -36.18 -12.24
CA GLN A 307 13.07 -36.43 -12.63
C GLN A 307 13.74 -35.22 -13.30
N GLU A 308 13.00 -34.49 -14.12
CA GLU A 308 13.53 -33.33 -14.83
C GLU A 308 13.72 -32.13 -13.92
N GLY A 309 12.90 -32.05 -12.87
CA GLY A 309 13.12 -31.10 -11.78
C GLY A 309 14.19 -31.52 -10.77
N LEU A 310 14.64 -32.78 -10.80
CA LEU A 310 15.64 -33.23 -9.83
C LEU A 310 17.01 -33.53 -10.42
N ARG A 311 17.33 -32.90 -11.54
CA ARG A 311 18.66 -33.01 -12.12
C ARG A 311 19.60 -32.20 -11.24
N LYS A 312 20.68 -32.86 -10.77
CA LYS A 312 21.66 -32.23 -9.88
C LYS A 312 22.29 -30.96 -10.46
N GLU A 313 22.68 -31.01 -11.73
CA GLU A 313 23.19 -29.85 -12.45
C GLU A 313 22.07 -28.91 -12.90
N PRO A 314 22.13 -27.62 -12.51
CA PRO A 314 21.09 -26.64 -12.83
C PRO A 314 20.86 -26.47 -14.32
N VAL A 315 21.91 -26.48 -15.13
CA VAL A 315 21.71 -26.37 -16.57
C VAL A 315 20.75 -27.44 -17.07
N HIS A 316 20.88 -28.67 -16.57
CA HIS A 316 20.04 -29.77 -17.04
C HIS A 316 18.66 -29.82 -16.41
N ARG A 317 18.47 -29.04 -15.35
CA ARG A 317 17.19 -29.01 -14.62
C ARG A 317 16.19 -28.16 -15.36
N ALA A 318 14.92 -28.56 -15.31
CA ALA A 318 13.84 -27.84 -15.99
C ALA A 318 13.59 -26.49 -15.35
N SER A 319 13.21 -25.50 -16.16
CA SER A 319 12.78 -24.20 -15.63
C SER A 319 11.36 -24.30 -15.12
N ALA A 320 10.88 -23.26 -14.44
CA ALA A 320 9.51 -23.21 -13.95
C ALA A 320 8.51 -23.36 -15.09
N MET A 321 8.73 -22.61 -16.16
CA MET A 321 7.86 -22.68 -17.32
C MET A 321 7.82 -24.09 -17.92
N GLU A 322 9.00 -24.67 -18.16
CA GLU A 322 9.10 -26.03 -18.71
C GLU A 322 8.36 -27.04 -17.84
N LEU A 323 8.59 -26.97 -16.53
CA LEU A 323 8.08 -27.99 -15.62
C LEU A 323 6.59 -27.84 -15.42
N ARG A 324 6.12 -26.60 -15.34
CA ARG A 324 4.70 -26.32 -15.22
C ARG A 324 3.94 -26.91 -16.42
N ARG A 325 4.50 -26.78 -17.62
CA ARG A 325 3.86 -27.37 -18.81
C ARG A 325 3.77 -28.89 -18.73
N LYS A 326 4.89 -29.55 -18.40
CA LYS A 326 4.95 -31.00 -18.20
C LYS A 326 3.94 -31.49 -17.18
N VAL A 327 3.88 -30.79 -16.06
CA VAL A 327 3.04 -31.16 -14.95
C VAL A 327 1.59 -30.97 -15.37
N GLY A 328 1.36 -29.94 -16.18
CA GLY A 328 0.07 -29.72 -16.79
C GLY A 328 -0.42 -30.92 -17.58
N LYS A 329 0.41 -31.43 -18.51
CA LYS A 329 0.00 -32.64 -19.23
C LYS A 329 0.03 -33.88 -18.37
N ALA A 330 0.92 -33.90 -17.38
CA ALA A 330 0.95 -35.00 -16.41
C ALA A 330 -0.40 -35.16 -15.75
N LEU A 331 -1.00 -34.05 -15.34
CA LEU A 331 -2.34 -34.05 -14.74
C LEU A 331 -3.42 -34.43 -15.74
N GLN A 332 -3.27 -34.00 -16.99
CA GLN A 332 -4.21 -34.40 -18.03
C GLN A 332 -4.14 -35.93 -18.27
N GLU A 333 -2.92 -36.48 -18.17
CA GLU A 333 -2.66 -37.90 -18.47
C GLU A 333 -3.31 -38.86 -17.48
N VAL A 334 -3.60 -38.38 -16.28
CA VAL A 334 -4.29 -39.19 -15.28
C VAL A 334 -5.77 -38.83 -15.14
N GLY A 335 -6.30 -38.17 -16.15
CA GLY A 335 -7.73 -37.87 -16.22
C GLY A 335 -8.16 -36.58 -15.53
N GLY A 336 -7.20 -35.71 -15.23
CA GLY A 336 -7.50 -34.41 -14.60
C GLY A 336 -7.72 -34.51 -13.11
N LEU A 337 -8.02 -33.39 -12.48
CA LEU A 337 -8.31 -33.37 -11.06
C LEU A 337 -9.68 -33.99 -10.73
N LYS A 338 -9.67 -35.08 -9.98
CA LYS A 338 -10.87 -35.84 -9.66
C LYS A 338 -11.05 -36.09 -8.17
N SER A 339 -9.95 -36.38 -7.47
CA SER A 339 -10.05 -36.80 -6.07
C SER A 339 -10.47 -35.64 -5.15
N PRO A 340 -11.24 -35.95 -4.07
CA PRO A 340 -11.69 -34.87 -3.19
C PRO A 340 -10.52 -34.27 -2.43
N TRP A 341 -10.66 -33.01 -2.05
CA TRP A 341 -9.54 -32.32 -1.43
C TRP A 341 -9.24 -32.89 -0.07
N LYS A 342 -10.30 -33.23 0.67
CA LYS A 342 -10.12 -33.99 1.89
C LYS A 342 -10.88 -35.30 1.75
N GLY A 343 -10.31 -36.21 0.99
CA GLY A 343 -10.86 -37.56 0.86
C GLY A 343 -10.55 -38.43 2.07
N GLU A 344 -10.23 -39.69 1.80
CA GLU A 344 -9.90 -40.64 2.85
C GLU A 344 -8.40 -40.58 3.17
N TYR A 345 -8.05 -40.89 4.41
CA TYR A 345 -6.65 -41.02 4.82
C TYR A 345 -5.90 -42.04 3.97
N LYS A 346 -4.61 -41.81 3.77
CA LYS A 346 -3.75 -42.71 2.99
C LYS A 346 -2.39 -42.86 3.68
N GLU A 347 -2.02 -44.10 4.04
CA GLU A 347 -0.80 -44.35 4.80
C GLU A 347 0.48 -43.89 4.08
N PRO A 348 1.36 -43.19 4.83
CA PRO A 348 2.70 -42.79 4.33
C PRO A 348 3.59 -44.01 3.98
N ARG A 349 4.75 -43.75 3.36
CA ARG A 349 5.62 -44.83 2.87
C ARG A 349 6.70 -45.24 3.87
N PRO B 8 7.29 44.03 15.96
CA PRO B 8 7.34 45.26 16.75
C PRO B 8 6.23 45.30 17.81
N VAL B 9 5.00 45.61 17.40
CA VAL B 9 3.81 45.43 18.24
C VAL B 9 3.24 44.03 17.99
N GLU B 10 3.67 43.41 16.89
CA GLU B 10 3.30 42.03 16.63
C GLU B 10 3.79 41.17 17.80
N GLU B 11 5.02 41.40 18.24
CA GLU B 11 5.60 40.74 19.42
C GLU B 11 4.56 40.64 20.54
N TYR B 12 4.04 41.79 20.96
CA TYR B 12 3.03 41.89 22.01
C TYR B 12 1.72 41.16 21.70
N LEU B 13 1.24 41.28 20.47
CA LEU B 13 0.00 40.66 20.05
C LEU B 13 0.13 39.16 20.00
N VAL B 14 1.30 38.67 19.60
CA VAL B 14 1.57 37.24 19.60
C VAL B 14 1.70 36.71 21.03
N HIS B 15 2.29 37.50 21.94
CA HIS B 15 2.40 37.13 23.36
C HIS B 15 1.06 36.96 24.00
N ALA B 16 0.12 37.84 23.63
CA ALA B 16 -1.25 37.83 24.14
C ALA B 16 -2.06 36.61 23.68
N LEU B 17 -1.64 36.01 22.57
CA LEU B 17 -2.29 34.79 22.09
C LEU B 17 -1.74 33.54 22.77
N GLN B 18 -0.43 33.56 23.05
CA GLN B 18 0.21 32.41 23.64
C GLN B 18 -0.37 32.05 25.00
N GLY B 19 -0.51 30.76 25.25
CA GLY B 19 -0.96 30.24 26.54
C GLY B 19 -2.46 30.16 26.73
N SER B 20 -3.22 30.53 25.70
CA SER B 20 -4.67 30.50 25.79
C SER B 20 -5.29 29.98 24.49
N VAL B 21 -6.53 29.52 24.57
CA VAL B 21 -7.31 29.31 23.37
C VAL B 21 -8.28 30.47 23.36
N SER B 22 -8.35 31.16 22.23
CA SER B 22 -9.28 32.28 22.10
C SER B 22 -10.07 32.18 20.82
N SER B 23 -11.26 32.76 20.83
CA SER B 23 -12.04 32.98 19.62
C SER B 23 -11.47 34.21 18.97
N GLY B 24 -11.06 34.09 17.71
CA GLY B 24 -10.49 35.23 16.99
C GLY B 24 -10.61 35.09 15.49
N GLN B 25 -9.75 35.83 14.79
CA GLN B 25 -9.75 35.80 13.34
C GLN B 25 -8.50 35.16 12.77
N ALA B 26 -8.58 34.88 11.46
CA ALA B 26 -7.56 34.19 10.70
C ALA B 26 -6.14 34.72 10.92
N HIS B 27 -5.98 36.03 10.87
CA HIS B 27 -4.64 36.65 11.01
C HIS B 27 -3.96 36.35 12.32
N SER B 28 -4.72 36.35 13.41
CA SER B 28 -4.22 35.97 14.72
C SER B 28 -3.83 34.51 14.76
N LEU B 29 -4.66 33.67 14.16
CA LEU B 29 -4.31 32.25 14.09
C LEU B 29 -2.96 32.14 13.40
N ALA B 30 -2.81 32.80 12.25
CA ALA B 30 -1.57 32.73 11.50
C ALA B 30 -0.36 33.20 12.34
N SER B 31 -0.53 34.32 13.05
CA SER B 31 0.52 34.86 13.91
C SER B 31 0.99 33.85 14.93
N LEU B 32 0.03 33.25 15.62
CA LEU B 32 0.32 32.27 16.66
C LEU B 32 0.92 30.96 16.11
N ALA B 33 0.42 30.51 14.97
CA ALA B 33 0.91 29.27 14.35
C ALA B 33 2.37 29.37 13.96
N LYS B 34 2.80 30.57 13.55
CA LYS B 34 4.18 30.81 13.16
C LYS B 34 5.11 30.38 14.28
N THR B 35 4.65 30.46 15.53
CA THR B 35 5.47 30.13 16.70
C THR B 35 5.61 28.61 16.93
N TRP B 36 4.82 27.82 16.20
CA TRP B 36 4.81 26.37 16.34
C TRP B 36 5.82 25.59 15.51
N SER B 37 6.58 26.27 14.65
CA SER B 37 7.70 25.67 13.91
C SER B 37 8.15 24.32 14.48
N ASP B 52 0.66 21.90 27.46
CA ASP B 52 0.24 23.28 27.32
C ASP B 52 -0.78 23.45 26.18
N ASN B 53 -1.61 24.48 26.28
CA ASN B 53 -2.84 24.59 25.51
C ASN B 53 -3.09 26.02 25.00
N GLU B 54 -3.11 26.16 23.68
CA GLU B 54 -3.21 27.46 23.03
C GLU B 54 -3.66 27.30 21.60
N GLY B 55 -4.35 28.32 21.10
CA GLY B 55 -4.79 28.36 19.73
C GLY B 55 -5.90 29.35 19.48
N VAL B 56 -6.38 29.39 18.24
CA VAL B 56 -7.44 30.32 17.85
C VAL B 56 -8.52 29.55 17.13
N LEU B 57 -9.77 29.78 17.54
CA LEU B 57 -10.93 29.22 16.85
C LEU B 57 -11.60 30.30 16.03
N LEU B 58 -11.97 29.96 14.79
CA LEU B 58 -12.48 30.94 13.82
C LEU B 58 -13.98 30.99 13.65
N THR B 59 -14.70 30.12 14.35
CA THR B 59 -16.15 30.09 14.24
C THR B 59 -16.77 29.91 15.61
N GLU B 60 -17.84 30.65 15.88
CA GLU B 60 -18.45 30.61 17.20
C GLU B 60 -19.07 29.25 17.49
N LYS B 61 -18.99 28.34 16.52
CA LYS B 61 -19.41 26.96 16.69
C LYS B 61 -18.44 26.15 17.58
N LEU B 62 -17.18 26.57 17.64
CA LEU B 62 -16.21 25.92 18.49
C LEU B 62 -15.73 26.97 19.47
N LYS B 63 -16.12 26.81 20.74
CA LYS B 63 -15.90 27.83 21.75
C LYS B 63 -14.96 27.35 22.84
N PRO B 64 -13.89 28.13 23.13
CA PRO B 64 -13.04 27.82 24.26
C PRO B 64 -13.80 28.00 25.56
N VAL B 65 -13.38 27.28 26.60
CA VAL B 65 -13.95 27.45 27.92
C VAL B 65 -12.82 27.79 28.89
N ASP B 66 -12.97 28.93 29.57
CA ASP B 66 -11.95 29.45 30.48
C ASP B 66 -10.54 29.28 29.93
N TYR B 67 -10.27 29.88 28.77
CA TYR B 67 -8.92 29.92 28.16
C TYR B 67 -8.43 28.58 27.62
N GLU B 68 -9.28 27.56 27.64
CA GLU B 68 -8.87 26.21 27.25
C GLU B 68 -9.73 25.58 26.17
N TYR B 69 -9.14 24.67 25.41
CA TYR B 69 -9.89 23.83 24.48
C TYR B 69 -9.14 22.52 24.39
N ARG B 70 -9.53 21.57 25.24
CA ARG B 70 -8.80 20.30 25.44
C ARG B 70 -9.57 19.08 24.94
N GLU B 71 -8.84 18.20 24.27
CA GLU B 71 -9.30 16.85 23.88
C GLU B 71 -10.09 16.15 24.98
N GLU B 72 -11.29 15.70 24.64
CA GLU B 72 -12.19 14.90 25.50
C GLU B 72 -12.76 15.67 26.70
N VAL B 73 -12.41 16.95 26.81
CA VAL B 73 -12.98 17.79 27.86
C VAL B 73 -13.95 18.79 27.24
N HIS B 74 -13.49 19.53 26.23
CA HIS B 74 -14.34 20.52 25.57
C HIS B 74 -14.78 20.08 24.22
N TRP B 75 -14.06 19.11 23.64
CA TRP B 75 -14.49 18.51 22.39
C TRP B 75 -14.25 17.03 22.31
N MET B 76 -15.25 16.29 21.82
CA MET B 76 -15.26 14.82 21.83
C MET B 76 -15.13 14.20 20.43
N THR B 77 -14.27 13.20 20.33
CA THR B 77 -14.16 12.34 19.15
C THR B 77 -15.30 11.32 19.13
N HIS B 78 -15.58 10.79 17.94
CA HIS B 78 -16.73 9.92 17.74
C HIS B 78 -16.60 8.56 18.36
N GLN B 79 -17.71 8.11 18.96
CA GLN B 79 -17.95 6.72 19.44
C GLN B 79 -16.69 5.89 19.80
N PRO B 80 -16.60 4.63 19.32
CA PRO B 80 -15.30 4.03 19.01
C PRO B 80 -14.51 4.89 18.02
N ARG B 81 -13.31 5.27 18.43
CA ARG B 81 -12.47 6.16 17.65
C ARG B 81 -12.05 5.55 16.32
N VAL B 82 -12.61 6.09 15.24
CA VAL B 82 -12.24 5.67 13.90
C VAL B 82 -11.59 6.86 13.19
N GLY B 83 -10.51 6.56 12.46
CA GLY B 83 -9.76 7.57 11.75
C GLY B 83 -9.91 7.51 10.24
N ARG B 84 -9.74 8.67 9.61
CA ARG B 84 -9.67 8.76 8.17
C ARG B 84 -8.38 9.57 7.86
N GLY B 85 -7.94 9.57 6.60
CA GLY B 85 -6.67 10.21 6.26
C GLY B 85 -5.54 9.20 6.22
N SER B 86 -4.44 9.57 5.58
CA SER B 86 -3.29 8.67 5.40
C SER B 86 -2.78 8.05 6.69
N PHE B 87 -2.87 8.78 7.79
CA PHE B 87 -2.38 8.30 9.08
C PHE B 87 -3.52 7.99 10.07
N GLY B 88 -4.75 7.89 9.58
CA GLY B 88 -5.92 7.77 10.43
C GLY B 88 -5.97 8.92 11.42
N GLU B 89 -5.54 10.09 10.95
CA GLU B 89 -5.36 11.23 11.82
C GLU B 89 -6.54 12.20 11.75
N VAL B 90 -7.51 11.93 10.87
CA VAL B 90 -8.69 12.80 10.73
C VAL B 90 -9.91 12.14 11.38
N HIS B 91 -10.60 12.90 12.23
CA HIS B 91 -11.73 12.38 13.00
C HIS B 91 -12.91 13.30 12.96
N ARG B 92 -14.10 12.72 13.07
CA ARG B 92 -15.33 13.45 13.39
C ARG B 92 -15.29 13.83 14.87
N MET B 93 -15.72 15.05 15.16
CA MET B 93 -15.71 15.55 16.52
C MET B 93 -16.95 16.38 16.77
N LYS B 94 -17.22 16.63 18.05
CA LYS B 94 -18.37 17.39 18.47
C LYS B 94 -17.91 18.37 19.55
N ASP B 95 -18.31 19.63 19.44
CA ASP B 95 -18.04 20.59 20.50
C ASP B 95 -19.01 20.32 21.62
N LYS B 96 -18.52 20.12 22.84
CA LYS B 96 -19.39 19.72 23.94
C LYS B 96 -20.42 20.78 24.32
N GLN B 97 -20.06 22.05 24.23
CA GLN B 97 -20.96 23.14 24.65
C GLN B 97 -22.03 23.41 23.59
N THR B 98 -21.60 23.54 22.33
CA THR B 98 -22.49 23.98 21.25
C THR B 98 -23.19 22.85 20.52
N GLY B 99 -22.57 21.66 20.52
CA GLY B 99 -23.16 20.47 19.89
C GLY B 99 -22.78 20.34 18.43
N PHE B 100 -22.00 21.29 17.96
CA PHE B 100 -21.65 21.41 16.57
C PHE B 100 -20.65 20.34 16.13
N GLN B 101 -21.01 19.61 15.08
CA GLN B 101 -20.14 18.58 14.52
C GLN B 101 -19.25 19.11 13.41
N CYS B 102 -17.95 18.87 13.53
CA CYS B 102 -17.05 19.14 12.43
C CYS B 102 -15.94 18.06 12.39
N ALA B 103 -14.80 18.39 11.78
CA ALA B 103 -13.72 17.43 11.62
C ALA B 103 -12.45 18.02 12.18
N VAL B 104 -11.51 17.16 12.55
CA VAL B 104 -10.24 17.59 13.12
C VAL B 104 -9.07 16.78 12.57
N LYS B 105 -8.02 17.47 12.16
CA LYS B 105 -6.82 16.79 11.72
C LYS B 105 -5.76 16.91 12.80
N LYS B 106 -5.32 15.79 13.36
CA LYS B 106 -4.30 15.84 14.38
C LYS B 106 -2.96 15.77 13.70
N VAL B 107 -2.10 16.75 14.00
CA VAL B 107 -0.75 16.79 13.46
C VAL B 107 0.22 16.78 14.63
N ARG B 108 1.29 16.02 14.48
CA ARG B 108 2.33 15.96 15.49
C ARG B 108 3.09 17.28 15.48
N LEU B 109 3.13 17.95 16.62
CA LEU B 109 3.79 19.25 16.74
C LEU B 109 5.22 19.27 16.20
N GLU B 110 6.00 18.24 16.52
CA GLU B 110 7.40 18.19 16.10
C GLU B 110 7.58 18.22 14.58
N VAL B 111 6.49 18.02 13.85
CA VAL B 111 6.54 17.82 12.41
C VAL B 111 5.66 18.85 11.71
N PHE B 112 4.94 19.63 12.52
CA PHE B 112 3.98 20.61 12.03
C PHE B 112 4.63 21.69 11.17
N ARG B 113 4.01 21.96 10.02
CA ARG B 113 4.48 22.98 9.10
C ARG B 113 3.55 24.18 9.18
N VAL B 114 4.12 25.35 9.47
CA VAL B 114 3.36 26.60 9.54
C VAL B 114 2.52 26.79 8.28
N GLU B 115 3.07 26.42 7.13
CA GLU B 115 2.39 26.60 5.85
C GLU B 115 0.99 25.98 5.80
N GLU B 116 0.74 24.93 6.60
CA GLU B 116 -0.54 24.24 6.53
C GLU B 116 -1.69 25.11 7.02
N LEU B 117 -1.38 25.98 7.99
CA LEU B 117 -2.37 26.90 8.48
C LEU B 117 -2.34 28.21 7.68
N VAL B 118 -1.15 28.78 7.53
CA VAL B 118 -0.96 30.06 6.86
C VAL B 118 -1.56 30.06 5.44
N ALA B 119 -1.21 29.04 4.66
CA ALA B 119 -1.77 28.87 3.32
C ALA B 119 -3.29 28.89 3.28
N CYS B 120 -3.96 28.31 4.28
CA CYS B 120 -5.41 28.18 4.20
C CYS B 120 -6.19 29.08 5.12
N ALA B 121 -5.47 29.76 6.02
CA ALA B 121 -6.14 30.67 6.95
C ALA B 121 -6.53 31.89 6.16
N GLY B 122 -7.80 32.26 6.26
CA GLY B 122 -8.27 33.48 5.64
C GLY B 122 -8.77 33.31 4.21
N LEU B 123 -8.72 32.08 3.71
CA LEU B 123 -9.25 31.76 2.39
C LEU B 123 -10.76 31.61 2.46
N SER B 124 -11.46 31.94 1.37
CA SER B 124 -12.85 31.54 1.23
C SER B 124 -13.22 31.28 -0.22
N SER B 125 -13.33 29.99 -0.53
CA SER B 125 -13.73 29.51 -1.84
C SER B 125 -14.56 28.25 -1.62
N PRO B 126 -15.66 28.10 -2.37
CA PRO B 126 -16.48 26.90 -2.24
C PRO B 126 -15.73 25.64 -2.68
N ARG B 127 -14.62 25.83 -3.39
CA ARG B 127 -13.80 24.73 -3.88
C ARG B 127 -12.72 24.33 -2.90
N ILE B 128 -12.65 25.02 -1.76
CA ILE B 128 -11.68 24.66 -0.72
C ILE B 128 -12.35 24.52 0.63
N VAL B 129 -12.06 23.43 1.33
CA VAL B 129 -12.59 23.19 2.67
C VAL B 129 -12.19 24.33 3.60
N PRO B 130 -13.16 24.90 4.34
CA PRO B 130 -12.92 25.96 5.30
C PRO B 130 -12.17 25.50 6.55
N LEU B 131 -11.13 26.24 6.91
CA LEU B 131 -10.47 26.09 8.19
C LEU B 131 -11.38 26.66 9.28
N TYR B 132 -11.54 25.93 10.37
CA TYR B 132 -12.35 26.40 11.50
C TYR B 132 -11.51 26.85 12.67
N GLY B 133 -10.21 26.55 12.61
CA GLY B 133 -9.28 26.91 13.66
C GLY B 133 -8.23 25.85 13.91
N ALA B 134 -7.36 26.12 14.87
CA ALA B 134 -6.31 25.20 15.25
C ALA B 134 -6.02 25.44 16.71
N VAL B 135 -5.71 24.36 17.41
CA VAL B 135 -5.39 24.40 18.83
C VAL B 135 -4.29 23.39 19.11
N ARG B 136 -3.18 23.88 19.65
CA ARG B 136 -2.13 23.04 20.17
C ARG B 136 -2.48 22.56 21.56
N GLU B 137 -2.25 21.26 21.77
CA GLU B 137 -2.41 20.63 23.07
C GLU B 137 -1.33 19.57 23.21
N GLY B 138 -0.38 19.82 24.10
CA GLY B 138 0.73 18.90 24.31
C GLY B 138 1.56 18.75 23.06
N PRO B 139 1.78 17.50 22.61
CA PRO B 139 2.51 17.18 21.39
C PRO B 139 1.65 17.24 20.12
N TRP B 140 0.42 17.73 20.25
CA TRP B 140 -0.52 17.78 19.14
C TRP B 140 -0.85 19.17 18.68
N VAL B 141 -0.97 19.33 17.37
CA VAL B 141 -1.65 20.47 16.78
C VAL B 141 -2.96 19.95 16.17
N ASN B 142 -4.09 20.31 16.76
CA ASN B 142 -5.41 19.87 16.29
C ASN B 142 -6.04 20.92 15.37
N ILE B 143 -6.18 20.57 14.09
CA ILE B 143 -6.74 21.51 13.13
C ILE B 143 -8.21 21.21 12.86
N PHE B 144 -9.06 22.21 13.09
CA PHE B 144 -10.51 22.06 12.93
C PHE B 144 -11.03 22.62 11.60
N MET B 145 -11.98 21.91 11.00
CA MET B 145 -12.47 22.24 9.65
C MET B 145 -13.89 21.67 9.45
N GLU B 146 -14.60 22.20 8.45
CA GLU B 146 -15.92 21.66 8.09
C GLU B 146 -15.82 20.15 7.85
N LEU B 147 -16.83 19.42 8.33
CA LEU B 147 -16.92 18.00 8.04
C LEU B 147 -17.67 17.84 6.72
N LEU B 148 -16.99 17.28 5.71
CA LEU B 148 -17.69 16.97 4.48
C LEU B 148 -18.25 15.55 4.49
N GLU B 149 -19.58 15.44 4.52
CA GLU B 149 -20.27 14.15 4.67
C GLU B 149 -20.18 13.22 3.46
N GLY B 150 -20.05 13.78 2.26
CA GLY B 150 -19.86 12.99 1.05
C GLY B 150 -18.63 12.08 1.10
N GLY B 151 -17.70 12.38 2.01
CA GLY B 151 -16.41 11.69 2.07
C GLY B 151 -15.46 12.16 0.99
N SER B 152 -14.35 11.45 0.84
CA SER B 152 -13.34 11.84 -0.14
C SER B 152 -13.61 11.23 -1.50
N LEU B 153 -12.89 11.73 -2.50
CA LEU B 153 -12.95 11.18 -3.85
C LEU B 153 -12.21 9.85 -3.94
N GLY B 154 -11.15 9.73 -3.17
CA GLY B 154 -10.45 8.44 -3.03
C GLY B 154 -11.41 7.36 -2.58
N GLN B 155 -12.23 7.68 -1.56
CA GLN B 155 -13.22 6.74 -1.04
C GLN B 155 -14.23 6.38 -2.12
N LEU B 156 -14.66 7.38 -2.90
CA LEU B 156 -15.58 7.11 -4.01
C LEU B 156 -14.99 6.11 -5.02
N ILE B 157 -13.72 6.31 -5.36
CA ILE B 157 -13.05 5.44 -6.33
C ILE B 157 -13.03 3.98 -5.87
N LYS B 158 -12.58 3.74 -4.65
CA LYS B 158 -12.56 2.37 -4.11
C LYS B 158 -13.97 1.76 -4.17
N GLN B 159 -14.98 2.55 -3.77
CA GLN B 159 -16.37 2.11 -3.77
C GLN B 159 -16.92 1.77 -5.14
N MET B 160 -16.61 2.61 -6.14
CA MET B 160 -17.17 2.45 -7.47
C MET B 160 -16.22 1.74 -8.44
N GLY B 161 -15.03 1.38 -7.96
CA GLY B 161 -14.02 0.70 -8.79
C GLY B 161 -13.24 1.72 -9.60
N CYS B 162 -13.95 2.45 -10.44
CA CYS B 162 -13.46 3.64 -11.11
C CYS B 162 -14.65 4.41 -11.70
N LEU B 163 -14.42 5.66 -12.06
CA LEU B 163 -15.51 6.58 -12.39
C LEU B 163 -15.80 6.69 -13.88
N PRO B 164 -17.07 6.96 -14.23
CA PRO B 164 -17.37 7.25 -15.63
C PRO B 164 -16.62 8.51 -16.06
N GLU B 165 -16.35 8.60 -17.35
CA GLU B 165 -15.60 9.70 -17.95
C GLU B 165 -16.19 11.06 -17.60
N ASP B 166 -17.51 11.19 -17.72
CA ASP B 166 -18.16 12.46 -17.43
C ASP B 166 -17.96 12.91 -15.99
N ARG B 167 -18.19 12.01 -15.04
CA ARG B 167 -18.05 12.36 -13.64
C ARG B 167 -16.59 12.66 -13.28
N ALA B 168 -15.65 11.95 -13.90
CA ALA B 168 -14.22 12.25 -13.68
C ALA B 168 -13.87 13.65 -14.18
N LEU B 169 -14.28 13.98 -15.40
CA LEU B 169 -14.09 15.32 -15.93
C LEU B 169 -14.74 16.37 -15.02
N TYR B 170 -15.98 16.11 -14.62
CA TYR B 170 -16.69 17.01 -13.74
C TYR B 170 -15.86 17.35 -12.49
N TYR B 171 -15.30 16.34 -11.84
CA TYR B 171 -14.53 16.55 -10.62
C TYR B 171 -13.18 17.21 -10.83
N LEU B 172 -12.52 16.87 -11.95
CA LEU B 172 -11.26 17.52 -12.31
C LEU B 172 -11.51 19.03 -12.50
N GLY B 173 -12.62 19.35 -13.14
CA GLY B 173 -13.02 20.72 -13.34
C GLY B 173 -13.05 21.44 -12.02
N GLN B 174 -13.66 20.78 -11.02
CA GLN B 174 -13.86 21.42 -9.72
C GLN B 174 -12.58 21.55 -8.93
N ALA B 175 -11.71 20.55 -9.03
CA ALA B 175 -10.41 20.61 -8.37
C ALA B 175 -9.63 21.76 -9.00
N LEU B 176 -9.65 21.82 -10.33
CA LEU B 176 -8.95 22.89 -11.05
C LEU B 176 -9.48 24.30 -10.69
N GLU B 177 -10.78 24.42 -10.45
CA GLU B 177 -11.34 25.66 -9.91
C GLU B 177 -10.66 26.04 -8.60
N GLY B 178 -10.42 25.05 -7.75
CA GLY B 178 -9.75 25.26 -6.47
C GLY B 178 -8.29 25.63 -6.65
N LEU B 179 -7.64 24.99 -7.60
CA LEU B 179 -6.22 25.24 -7.85
C LEU B 179 -6.03 26.62 -8.42
N GLU B 180 -6.95 27.01 -9.28
CA GLU B 180 -6.99 28.35 -9.85
C GLU B 180 -6.98 29.40 -8.74
N TYR B 181 -7.91 29.27 -7.80
CA TYR B 181 -7.98 30.09 -6.59
C TYR B 181 -6.65 30.10 -5.78
N LEU B 182 -6.04 28.94 -5.61
CA LEU B 182 -4.81 28.85 -4.84
C LEU B 182 -3.66 29.45 -5.63
N HIS B 183 -3.62 29.18 -6.93
CA HIS B 183 -2.48 29.60 -7.73
C HIS B 183 -2.43 31.08 -7.90
N THR B 184 -3.59 31.70 -8.03
CA THR B 184 -3.71 33.16 -8.08
C THR B 184 -3.16 33.81 -6.82
N ARG B 185 -3.33 33.14 -5.68
CA ARG B 185 -2.85 33.66 -4.40
C ARG B 185 -1.45 33.18 -4.03
N ARG B 186 -0.76 32.59 -5.01
CA ARG B 186 0.63 32.12 -4.88
C ARG B 186 0.82 30.93 -3.92
N ILE B 187 -0.22 30.12 -3.81
CA ILE B 187 -0.19 28.92 -2.98
C ILE B 187 -0.17 27.68 -3.86
N LEU B 188 0.85 26.87 -3.61
CA LEU B 188 0.95 25.57 -4.20
C LEU B 188 0.32 24.59 -3.22
N HIS B 189 -0.55 23.70 -3.71
CA HIS B 189 -1.15 22.72 -2.83
C HIS B 189 -0.14 21.67 -2.43
N GLY B 190 0.51 21.04 -3.41
CA GLY B 190 1.63 20.13 -3.16
C GLY B 190 1.27 18.65 -3.04
N ASP B 191 -0.02 18.35 -2.87
CA ASP B 191 -0.46 16.96 -2.80
C ASP B 191 -1.89 16.79 -3.30
N VAL B 192 -2.11 17.29 -4.51
CA VAL B 192 -3.39 17.11 -5.17
C VAL B 192 -3.57 15.65 -5.52
N LYS B 193 -4.60 15.06 -4.94
CA LYS B 193 -5.01 13.68 -5.25
C LYS B 193 -6.44 13.42 -4.77
N ALA B 194 -7.04 12.32 -5.21
CA ALA B 194 -8.43 11.99 -4.87
C ALA B 194 -8.71 11.96 -3.37
N ASP B 195 -7.79 11.40 -2.59
CA ASP B 195 -7.93 11.32 -1.12
C ASP B 195 -8.07 12.71 -0.48
N ASN B 196 -7.52 13.71 -1.16
CA ASN B 196 -7.52 15.09 -0.72
C ASN B 196 -8.56 15.95 -1.45
N VAL B 197 -9.52 15.31 -2.11
CA VAL B 197 -10.66 16.02 -2.67
C VAL B 197 -11.91 15.51 -1.98
N LEU B 198 -12.60 16.40 -1.26
CA LEU B 198 -13.76 15.99 -0.49
C LEU B 198 -15.05 16.35 -1.22
N LEU B 199 -16.14 15.66 -0.88
CA LEU B 199 -17.42 15.82 -1.59
C LEU B 199 -18.59 16.09 -0.67
N SER B 200 -19.57 16.82 -1.19
CA SER B 200 -20.81 17.11 -0.48
C SER B 200 -21.68 15.85 -0.39
N SER B 201 -22.68 15.90 0.48
CA SER B 201 -23.58 14.78 0.74
C SER B 201 -24.28 14.22 -0.51
N ASP B 202 -24.38 15.02 -1.57
CA ASP B 202 -24.98 14.53 -2.81
C ASP B 202 -23.95 14.30 -3.90
N GLY B 203 -22.69 14.58 -3.61
CA GLY B 203 -21.60 14.36 -4.54
C GLY B 203 -21.43 15.42 -5.62
N SER B 204 -22.23 16.47 -5.56
CA SER B 204 -22.24 17.46 -6.63
C SER B 204 -21.13 18.47 -6.48
N ARG B 205 -20.64 18.64 -5.26
CA ARG B 205 -19.62 19.65 -5.00
C ARG B 205 -18.32 19.06 -4.48
N ALA B 206 -17.20 19.46 -5.06
CA ALA B 206 -15.90 18.99 -4.63
C ALA B 206 -15.08 20.12 -4.05
N ALA B 207 -14.29 19.80 -3.02
CA ALA B 207 -13.46 20.80 -2.35
C ALA B 207 -12.11 20.23 -1.95
N LEU B 208 -11.06 21.00 -2.20
CA LEU B 208 -9.68 20.64 -1.81
C LEU B 208 -9.45 20.75 -0.30
N CYS B 209 -8.80 19.74 0.27
CA CYS B 209 -8.37 19.80 1.64
C CYS B 209 -6.88 19.42 1.73
N ASP B 210 -6.34 19.48 2.95
CA ASP B 210 -4.99 19.02 3.28
C ASP B 210 -3.91 19.92 2.70
N PHE B 211 -3.51 20.92 3.47
CA PHE B 211 -2.47 21.85 3.04
C PHE B 211 -1.15 21.52 3.75
N GLY B 212 -1.04 20.27 4.20
CA GLY B 212 0.16 19.78 4.88
C GLY B 212 1.43 19.86 4.05
N HIS B 213 1.27 19.87 2.72
CA HIS B 213 2.38 19.94 1.77
C HIS B 213 2.40 21.24 1.01
N ALA B 214 1.54 22.18 1.41
CA ALA B 214 1.45 23.46 0.69
C ALA B 214 2.72 24.29 0.80
N LEU B 215 2.96 25.11 -0.21
CA LEU B 215 4.06 26.07 -0.17
C LEU B 215 3.60 27.42 -0.73
N CYS B 216 4.08 28.50 -0.12
CA CYS B 216 3.80 29.84 -0.59
C CYS B 216 4.86 30.28 -1.57
N LEU B 217 4.45 30.57 -2.79
CA LEU B 217 5.34 31.15 -3.81
C LEU B 217 5.51 32.64 -3.56
N GLN B 218 6.58 33.23 -4.13
CA GLN B 218 6.91 34.66 -3.90
C GLN B 218 5.82 35.58 -4.48
N PRO B 219 5.99 36.91 -4.35
CA PRO B 219 4.99 37.80 -4.95
C PRO B 219 5.02 37.83 -6.49
N ASP B 220 5.46 36.73 -7.12
CA ASP B 220 5.53 36.64 -8.58
C ASP B 220 5.27 35.24 -9.15
N GLY B 221 5.23 34.23 -8.26
CA GLY B 221 4.90 32.87 -8.64
C GLY B 221 6.03 32.08 -9.28
N LEU B 222 7.23 32.64 -9.29
CA LEU B 222 8.43 31.99 -9.87
C LEU B 222 8.75 30.63 -9.19
N GLY B 223 9.34 29.72 -9.97
CA GLY B 223 9.72 28.39 -9.50
C GLY B 223 10.60 28.39 -8.26
N LYS B 224 10.07 27.82 -7.17
CA LYS B 224 10.77 27.77 -5.88
C LYS B 224 11.40 26.39 -5.66
N SER B 225 12.66 26.38 -5.24
CA SER B 225 13.36 25.12 -4.93
C SER B 225 12.62 24.41 -3.80
N LEU B 226 12.27 23.15 -4.01
CA LEU B 226 11.26 22.50 -3.17
C LEU B 226 11.81 21.64 -2.05
N LEU B 227 12.87 20.91 -2.35
CA LEU B 227 13.36 19.90 -1.41
C LEU B 227 14.39 20.45 -0.43
N THR B 228 13.93 21.35 0.43
CA THR B 228 14.77 22.01 1.44
C THR B 228 14.06 22.16 2.79
N GLY B 229 14.85 22.19 3.86
CA GLY B 229 14.39 22.59 5.20
C GLY B 229 13.32 21.72 5.84
N ASP B 230 12.15 22.32 6.05
CA ASP B 230 11.04 21.68 6.74
C ASP B 230 10.08 20.91 5.81
N TYR B 231 10.40 20.86 4.51
CA TYR B 231 9.44 20.35 3.52
C TYR B 231 9.05 18.88 3.66
N ILE B 232 7.75 18.62 3.52
CA ILE B 232 7.20 17.27 3.50
C ILE B 232 6.64 17.00 2.09
N PRO B 233 7.24 16.03 1.35
CA PRO B 233 6.86 15.69 -0.04
C PRO B 233 5.45 15.14 -0.17
N GLY B 234 4.86 15.31 -1.35
CA GLY B 234 3.51 14.80 -1.63
C GLY B 234 3.53 13.32 -1.98
N THR B 235 2.38 12.82 -2.43
CA THR B 235 2.28 11.44 -2.88
C THR B 235 3.20 11.20 -4.07
N GLU B 236 4.09 10.24 -3.93
CA GLU B 236 5.09 9.97 -4.96
C GLU B 236 4.52 9.65 -6.34
N THR B 237 3.51 8.80 -6.42
CA THR B 237 2.93 8.41 -7.72
C THR B 237 2.37 9.58 -8.48
N HIS B 238 2.12 10.68 -7.76
CA HIS B 238 1.56 11.88 -8.35
C HIS B 238 2.57 12.98 -8.50
N MET B 239 3.83 12.73 -8.20
CA MET B 239 4.87 13.75 -8.37
C MET B 239 5.24 14.10 -9.81
N ALA B 240 5.25 15.40 -10.10
CA ALA B 240 5.74 15.91 -11.37
C ALA B 240 7.24 15.65 -11.53
N PRO B 241 7.72 15.54 -12.77
CA PRO B 241 9.13 15.16 -12.95
C PRO B 241 10.08 16.18 -12.33
N GLU B 242 9.68 17.44 -12.30
CA GLU B 242 10.54 18.51 -11.79
C GLU B 242 10.73 18.36 -10.27
N VAL B 243 9.68 17.89 -9.61
CA VAL B 243 9.70 17.61 -8.16
C VAL B 243 10.68 16.49 -7.84
N VAL B 244 10.52 15.34 -8.48
CA VAL B 244 11.41 14.19 -8.22
C VAL B 244 12.84 14.46 -8.66
N MET B 245 13.00 15.49 -9.48
CA MET B 245 14.26 15.74 -10.15
C MET B 245 14.99 16.87 -9.43
N GLY B 246 14.36 17.40 -8.38
CA GLY B 246 14.95 18.47 -7.57
C GLY B 246 15.05 19.83 -8.25
N LYS B 247 14.25 20.04 -9.29
CA LYS B 247 14.24 21.31 -10.02
C LYS B 247 13.29 22.29 -9.33
N PRO B 248 13.38 23.61 -9.65
CA PRO B 248 12.45 24.56 -9.04
C PRO B 248 11.04 24.27 -9.52
N CYS B 249 10.09 24.51 -8.64
CA CYS B 249 8.75 24.04 -8.84
C CYS B 249 7.81 25.21 -8.70
N ASP B 250 6.82 25.27 -9.58
CA ASP B 250 5.80 26.30 -9.53
C ASP B 250 4.43 25.62 -9.57
N ALA B 251 3.37 26.40 -9.80
CA ALA B 251 2.00 25.92 -9.70
C ALA B 251 1.74 24.73 -10.57
N LYS B 252 2.55 24.57 -11.63
CA LYS B 252 2.37 23.48 -12.56
C LYS B 252 2.49 22.07 -11.92
N VAL B 253 3.13 21.95 -10.74
CA VAL B 253 3.23 20.63 -10.10
C VAL B 253 1.84 20.11 -9.68
N ASP B 254 0.97 21.01 -9.23
CA ASP B 254 -0.41 20.65 -8.89
C ASP B 254 -1.16 20.17 -10.12
N ILE B 255 -0.88 20.79 -11.27
CA ILE B 255 -1.55 20.41 -12.54
C ILE B 255 -1.16 18.97 -12.91
N TRP B 256 0.14 18.68 -12.91
CA TRP B 256 0.57 17.30 -13.09
C TRP B 256 -0.15 16.35 -12.16
N SER B 257 -0.20 16.73 -10.88
CA SER B 257 -0.86 15.92 -9.87
C SER B 257 -2.32 15.72 -10.17
N SER B 258 -2.99 16.80 -10.57
CA SER B 258 -4.40 16.74 -10.85
C SER B 258 -4.67 15.71 -11.95
N CYS B 259 -3.76 15.59 -12.91
CA CYS B 259 -3.97 14.68 -14.03
C CYS B 259 -3.62 13.24 -13.69
N CYS B 260 -2.70 13.05 -12.74
CA CYS B 260 -2.47 11.72 -12.18
C CYS B 260 -3.72 11.25 -11.44
N MET B 261 -4.35 12.16 -10.70
CA MET B 261 -5.65 11.92 -10.06
C MET B 261 -6.72 11.53 -11.07
N MET B 262 -6.73 12.20 -12.22
CA MET B 262 -7.70 11.90 -13.29
C MET B 262 -7.50 10.49 -13.84
N LEU B 263 -6.24 10.07 -13.98
CA LEU B 263 -5.92 8.69 -14.34
C LEU B 263 -6.43 7.73 -13.26
N HIS B 264 -6.32 8.14 -12.01
CA HIS B 264 -6.80 7.38 -10.88
C HIS B 264 -8.29 7.22 -10.94
N MET B 265 -8.99 8.29 -11.28
CA MET B 265 -10.44 8.26 -11.42
C MET B 265 -10.84 7.28 -12.51
N LEU B 266 -10.25 7.46 -13.69
CA LEU B 266 -10.59 6.68 -14.88
C LEU B 266 -10.23 5.19 -14.77
N ASN B 267 -9.01 4.93 -14.29
CA ASN B 267 -8.49 3.56 -14.25
C ASN B 267 -8.73 2.80 -12.95
N GLY B 268 -8.87 3.54 -11.84
CA GLY B 268 -9.11 2.93 -10.53
C GLY B 268 -7.83 2.52 -9.83
N CYS B 269 -6.70 3.04 -10.32
CA CYS B 269 -5.40 2.81 -9.70
C CYS B 269 -4.46 3.95 -10.07
N HIS B 270 -3.54 4.27 -9.17
CA HIS B 270 -2.51 5.28 -9.39
C HIS B 270 -1.75 4.98 -10.64
N PRO B 271 -1.26 6.02 -11.32
CA PRO B 271 -0.34 5.74 -12.42
C PRO B 271 0.93 5.08 -11.89
N TRP B 272 1.72 4.49 -12.77
CA TRP B 272 2.95 3.76 -12.37
C TRP B 272 2.70 2.54 -11.50
N THR B 273 1.47 2.06 -11.42
CA THR B 273 1.17 0.82 -10.65
C THR B 273 1.79 -0.38 -11.38
N GLN B 274 2.94 -0.83 -10.88
CA GLN B 274 3.80 -1.77 -11.61
C GLN B 274 3.99 -3.11 -10.88
N GLY B 278 13.68 -0.94 -7.70
CA GLY B 278 14.08 0.42 -8.09
C GLY B 278 13.13 1.51 -7.62
N PRO B 279 13.69 2.66 -7.16
CA PRO B 279 12.88 3.78 -6.67
C PRO B 279 12.07 4.46 -7.80
N LEU B 280 10.79 4.70 -7.53
CA LEU B 280 9.86 5.24 -8.54
C LEU B 280 10.19 6.66 -9.03
N CYS B 281 10.85 7.44 -8.17
CA CYS B 281 11.32 8.78 -8.51
C CYS B 281 12.19 8.79 -9.78
N LEU B 282 12.99 7.75 -9.98
CA LEU B 282 13.80 7.65 -11.20
C LEU B 282 12.96 7.36 -12.46
N LYS B 283 11.89 6.58 -12.30
CA LYS B 283 10.99 6.26 -13.42
C LYS B 283 10.29 7.52 -13.92
N ILE B 284 9.71 8.29 -13.00
CA ILE B 284 9.04 9.54 -13.35
C ILE B 284 10.01 10.48 -14.08
N ALA B 285 11.25 10.57 -13.59
CA ALA B 285 12.25 11.45 -14.16
C ALA B 285 12.63 11.04 -15.57
N SER B 286 12.84 9.74 -15.77
CA SER B 286 13.46 9.25 -17.01
C SER B 286 12.48 8.74 -18.07
N GLU B 287 11.35 8.20 -17.63
CA GLU B 287 10.36 7.62 -18.53
C GLU B 287 9.43 8.69 -19.10
N PRO B 288 8.78 8.39 -20.26
CA PRO B 288 7.72 9.25 -20.80
C PRO B 288 6.61 9.50 -19.78
N PRO B 289 5.87 10.61 -19.93
CA PRO B 289 4.73 10.83 -19.05
C PRO B 289 3.68 9.72 -19.25
N PRO B 290 2.93 9.35 -18.18
CA PRO B 290 2.04 8.20 -18.20
C PRO B 290 0.79 8.34 -19.08
N ILE B 291 0.91 8.99 -20.22
CA ILE B 291 -0.20 9.14 -21.17
C ILE B 291 -0.68 7.84 -21.83
N ARG B 292 0.19 6.83 -21.91
CA ARG B 292 -0.22 5.50 -22.36
C ARG B 292 -1.37 4.93 -21.49
N GLU B 293 -1.55 5.49 -20.29
CA GLU B 293 -2.56 4.99 -19.33
C GLU B 293 -3.93 5.63 -19.51
N ILE B 294 -4.02 6.60 -20.42
CA ILE B 294 -5.30 7.16 -20.83
C ILE B 294 -6.08 6.07 -21.57
N PRO B 295 -7.27 5.72 -21.04
CA PRO B 295 -8.18 4.77 -21.69
C PRO B 295 -8.59 5.20 -23.11
N PRO B 296 -8.57 4.26 -24.06
CA PRO B 296 -8.94 4.53 -25.46
C PRO B 296 -10.43 4.82 -25.59
N SER B 297 -11.22 4.38 -24.61
CA SER B 297 -12.64 4.70 -24.53
C SER B 297 -12.89 6.22 -24.52
N CYS B 298 -11.99 6.96 -23.88
CA CYS B 298 -12.14 8.40 -23.67
C CYS B 298 -12.14 9.21 -24.94
N ALA B 299 -12.97 10.27 -24.94
CA ALA B 299 -13.08 11.17 -26.08
C ALA B 299 -11.72 11.81 -26.42
N PRO B 300 -11.51 12.19 -27.70
CA PRO B 300 -10.26 12.86 -28.08
C PRO B 300 -9.91 14.03 -27.16
N LEU B 301 -10.87 14.92 -26.89
CA LEU B 301 -10.62 16.11 -26.06
C LEU B 301 -10.16 15.80 -24.64
N THR B 302 -10.73 14.74 -24.07
CA THR B 302 -10.37 14.25 -22.73
C THR B 302 -8.92 13.78 -22.70
N ALA B 303 -8.56 12.94 -23.68
CA ALA B 303 -7.19 12.46 -23.85
C ALA B 303 -6.24 13.65 -23.97
N GLN B 304 -6.63 14.62 -24.79
CA GLN B 304 -5.83 15.82 -25.00
C GLN B 304 -5.67 16.64 -23.73
N ALA B 305 -6.75 16.76 -22.95
CA ALA B 305 -6.70 17.49 -21.68
C ALA B 305 -5.66 16.86 -20.77
N ILE B 306 -5.76 15.55 -20.59
CA ILE B 306 -4.81 14.81 -19.77
C ILE B 306 -3.38 14.97 -20.30
N GLN B 307 -3.24 14.97 -21.62
CA GLN B 307 -1.93 15.10 -22.23
C GLN B 307 -1.25 16.42 -21.86
N GLU B 308 -2.00 17.52 -21.94
CA GLU B 308 -1.46 18.84 -21.69
C GLU B 308 -1.17 19.08 -20.21
N GLY B 309 -1.96 18.45 -19.34
CA GLY B 309 -1.71 18.48 -17.90
C GLY B 309 -0.54 17.61 -17.52
N LEU B 310 -0.06 16.79 -18.46
CA LEU B 310 1.02 15.85 -18.19
C LEU B 310 2.27 16.10 -19.05
N ARG B 311 2.45 17.33 -19.52
CA ARG B 311 3.70 17.68 -20.21
C ARG B 311 4.83 17.66 -19.20
N LYS B 312 5.98 17.13 -19.61
CA LYS B 312 7.13 17.01 -18.71
C LYS B 312 7.80 18.34 -18.36
N GLU B 313 7.91 19.26 -19.33
CA GLU B 313 8.42 20.62 -19.08
C GLU B 313 7.30 21.49 -18.53
N PRO B 314 7.48 22.06 -17.33
CA PRO B 314 6.42 22.91 -16.74
C PRO B 314 5.94 24.02 -17.69
N VAL B 315 6.85 24.59 -18.48
CA VAL B 315 6.45 25.65 -19.41
C VAL B 315 5.49 25.17 -20.51
N HIS B 316 5.56 23.89 -20.89
CA HIS B 316 4.61 23.35 -21.88
C HIS B 316 3.32 22.89 -21.25
N ARG B 317 3.36 22.67 -19.93
CA ARG B 317 2.20 22.21 -19.18
C ARG B 317 1.14 23.29 -19.00
N ALA B 318 -0.12 22.87 -19.12
CA ALA B 318 -1.28 23.74 -18.91
C ALA B 318 -1.32 24.31 -17.49
N SER B 319 -1.72 25.58 -17.38
CA SER B 319 -2.03 26.17 -16.09
C SER B 319 -3.40 25.70 -15.61
N ALA B 320 -3.72 25.98 -14.35
CA ALA B 320 -5.03 25.64 -13.80
C ALA B 320 -6.17 26.23 -14.65
N MET B 321 -6.12 27.54 -14.89
CA MET B 321 -7.13 28.23 -15.72
C MET B 321 -7.26 27.63 -17.13
N GLU B 322 -6.14 27.16 -17.67
CA GLU B 322 -6.07 26.68 -19.04
C GLU B 322 -6.67 25.29 -19.12
N LEU B 323 -6.26 24.40 -18.22
CA LEU B 323 -6.78 23.04 -18.20
C LEU B 323 -8.26 23.01 -17.88
N ARG B 324 -8.69 23.81 -16.90
CA ARG B 324 -10.12 23.91 -16.58
C ARG B 324 -10.97 24.24 -17.82
N ARG B 325 -10.50 25.15 -18.66
CA ARG B 325 -11.21 25.49 -19.89
C ARG B 325 -11.28 24.29 -20.82
N LYS B 326 -10.15 23.61 -21.00
CA LYS B 326 -10.12 22.40 -21.82
C LYS B 326 -11.06 21.34 -21.25
N VAL B 327 -11.05 21.17 -19.94
CA VAL B 327 -11.85 20.15 -19.25
C VAL B 327 -13.36 20.43 -19.38
N GLY B 328 -13.73 21.70 -19.22
CA GLY B 328 -15.08 22.17 -19.49
C GLY B 328 -15.53 21.76 -20.88
N LYS B 329 -14.65 21.93 -21.86
CA LYS B 329 -14.98 21.62 -23.24
C LYS B 329 -15.06 20.11 -23.46
N ALA B 330 -14.24 19.36 -22.73
CA ALA B 330 -14.28 17.89 -22.80
C ALA B 330 -15.62 17.38 -22.31
N LEU B 331 -16.10 17.96 -21.19
CA LEU B 331 -17.39 17.59 -20.61
C LEU B 331 -18.54 17.89 -21.57
N GLN B 332 -18.64 19.13 -22.03
CA GLN B 332 -19.62 19.56 -23.02
C GLN B 332 -19.61 18.67 -24.29
N GLU B 333 -18.45 18.08 -24.60
CA GLU B 333 -18.30 17.22 -25.78
C GLU B 333 -18.86 15.79 -25.57
N VAL B 334 -18.78 15.28 -24.34
CA VAL B 334 -19.37 13.97 -24.02
C VAL B 334 -20.84 14.07 -23.55
N GLY B 335 -21.44 15.25 -23.72
CA GLY B 335 -22.84 15.46 -23.38
C GLY B 335 -23.09 15.92 -21.95
N GLY B 336 -22.03 16.34 -21.26
CA GLY B 336 -22.14 16.89 -19.91
C GLY B 336 -22.31 15.83 -18.83
N LEU B 337 -22.37 16.29 -17.57
CA LEU B 337 -22.56 15.40 -16.43
C LEU B 337 -23.91 14.69 -16.47
N LYS B 338 -23.85 13.37 -16.57
CA LYS B 338 -25.00 12.53 -16.90
C LYS B 338 -25.11 11.38 -15.90
N SER B 339 -23.98 10.77 -15.55
CA SER B 339 -23.93 9.61 -14.67
C SER B 339 -24.42 9.89 -13.23
N PRO B 340 -25.09 8.90 -12.61
CA PRO B 340 -25.53 9.00 -11.21
C PRO B 340 -24.34 9.23 -10.30
N TRP B 341 -24.56 9.82 -9.14
CA TRP B 341 -23.46 10.08 -8.20
C TRP B 341 -22.72 8.80 -7.94
N LYS B 342 -23.50 7.75 -7.65
CA LYS B 342 -22.96 6.42 -7.47
C LYS B 342 -23.63 5.45 -8.44
N GLY B 343 -24.30 4.42 -7.93
CA GLY B 343 -24.95 3.44 -8.80
C GLY B 343 -24.07 2.29 -9.27
N GLU B 344 -23.83 2.22 -10.58
CA GLU B 344 -23.20 1.04 -11.18
C GLU B 344 -21.69 0.94 -10.92
N TYR B 345 -21.28 -0.20 -10.36
CA TYR B 345 -19.86 -0.51 -10.16
C TYR B 345 -19.16 -0.82 -11.50
N LYS B 346 -17.97 -0.26 -11.66
CA LYS B 346 -17.19 -0.38 -12.90
C LYS B 346 -15.87 -1.10 -12.56
N GLU B 347 -15.48 -2.06 -13.41
CA GLU B 347 -14.25 -2.83 -13.17
C GLU B 347 -13.00 -2.01 -13.47
N PRO B 348 -12.03 -1.99 -12.53
CA PRO B 348 -10.75 -1.28 -12.69
C PRO B 348 -9.78 -1.96 -13.66
N ARG B 349 -8.77 -1.22 -14.13
CA ARG B 349 -7.79 -1.74 -15.08
C ARG B 349 -6.68 -2.52 -14.36
#